data_5ZM3
#
_entry.id   5ZM3
#
_cell.length_a   62.642
_cell.length_b   73.340
_cell.length_c   86.971
_cell.angle_alpha   75.97
_cell.angle_beta   71.35
_cell.angle_gamma   89.68
#
_symmetry.space_group_name_H-M   'P 1'
#
loop_
_entity.id
_entity.type
_entity.pdbx_description
1 polymer 'Dioxygenase andA'
2 non-polymer 'FE (III) ION'
3 non-polymer '2-OXOGLUTARIC ACID'
4 non-polymer (6aS,8aR,12aS,12bR,13aR)-5,6a,9,9,12a,13a-hexamethyl-7,8,8a,9,11,12,12a,12b,13,13a-decahydro-3H-benzo[a]furo[3,4-j]xanthene-3,4,10(1H,6aH)-trione
5 water water
#
_entity_poly.entity_id   1
_entity_poly.type   'polypeptide(L)'
_entity_poly.pdbx_seq_one_letter_code
;MGSSHHHHHHSSGLVPRGSHMPPIRRVNASQGSDAAYQILQEDGCVIVEQVICPNIIAKISDDVNRVMDKATIGAKKGEQ
THIINMHNRTIHMGDLVLTSKTYRDELLNLPFAHEVLEKVFKKDSGDYWLNMGNILNMLPGAEAQRPHRDDYLYPVSQHM
DPATSPDLMINITFPLNEFRHDNGGTLLLPKSHTGPNADFYANAEDLPAAEMQVGDALIFTGKCVHGGGANRSDKPRIGL
ALAAQPGYLTPRESNVNVPRDIVETMTPLAQRMIGWGTVRTKDTYGLNMLQDKDFHEALGLKSKTA
;
_entity_poly.pdbx_strand_id   A,B,C,D
#
loop_
_chem_comp.id
_chem_comp.type
_chem_comp.name
_chem_comp.formula
9FR non-polymer (6aS,8aR,12aS,12bR,13aR)-5,6a,9,9,12a,13a-hexamethyl-7,8,8a,9,11,12,12a,12b,13,13a-decahydro-3H-benzo[a]furo[3,4-j]xanthene-3,4,10(1H,6aH)-trione 'C25 H32 O5'
AKG non-polymer '2-OXOGLUTARIC ACID' 'C5 H6 O5'
FE non-polymer 'FE (III) ION' 'Fe 3'
#
# COMPACT_ATOMS: atom_id res chain seq x y z
N HIS A 20 -19.08 -5.16 -0.23
CA HIS A 20 -19.81 -4.47 0.83
C HIS A 20 -19.14 -4.72 2.21
N MET A 21 -18.56 -3.65 2.79
CA MET A 21 -18.03 -3.70 4.16
C MET A 21 -19.03 -3.05 5.12
N PRO A 22 -19.57 -3.78 6.12
CA PRO A 22 -20.55 -3.17 7.02
C PRO A 22 -19.90 -2.16 7.95
N PRO A 23 -20.60 -1.08 8.28
CA PRO A 23 -20.00 -0.04 9.14
C PRO A 23 -20.08 -0.39 10.62
N ILE A 24 -19.27 0.32 11.41
CA ILE A 24 -19.30 0.15 12.87
C ILE A 24 -20.51 0.90 13.40
N ARG A 25 -21.39 0.18 14.08
CA ARG A 25 -22.63 0.74 14.59
C ARG A 25 -22.46 1.27 16.01
N ARG A 26 -23.24 2.31 16.32
CA ARG A 26 -23.10 3.10 17.54
C ARG A 26 -24.45 3.27 18.23
N VAL A 27 -24.45 3.28 19.56
CA VAL A 27 -25.62 3.60 20.36
C VAL A 27 -25.18 4.58 21.45
N ASN A 28 -26.07 5.49 21.83
CA ASN A 28 -25.81 6.27 23.03
C ASN A 28 -26.05 5.39 24.24
N ALA A 29 -25.30 5.64 25.31
CA ALA A 29 -25.52 4.82 26.52
C ALA A 29 -26.89 5.08 27.13
N SER A 30 -27.50 6.24 26.86
CA SER A 30 -28.84 6.50 27.36
C SER A 30 -29.90 5.61 26.73
N GLN A 31 -29.55 4.84 25.70
CA GLN A 31 -30.47 3.89 25.09
C GLN A 31 -30.47 2.53 25.77
N GLY A 32 -29.63 2.34 26.79
CA GLY A 32 -29.70 1.09 27.55
C GLY A 32 -28.74 0.03 27.03
N SER A 33 -28.23 -0.77 27.96
CA SER A 33 -27.21 -1.74 27.62
C SER A 33 -27.77 -2.91 26.82
N ASP A 34 -29.10 -3.01 26.70
CA ASP A 34 -29.71 -4.04 25.85
C ASP A 34 -29.51 -3.72 24.37
N ALA A 35 -29.66 -2.45 24.00
CA ALA A 35 -29.41 -2.05 22.62
C ALA A 35 -27.96 -2.31 22.23
N ALA A 36 -27.03 -1.88 23.09
CA ALA A 36 -25.62 -2.13 22.85
C ALA A 36 -25.32 -3.62 22.76
N TYR A 37 -25.93 -4.42 23.64
CA TYR A 37 -25.64 -5.85 23.63
C TYR A 37 -26.18 -6.53 22.37
N GLN A 38 -27.31 -6.06 21.84
CA GLN A 38 -27.87 -6.67 20.63
C GLN A 38 -27.01 -6.35 19.40
N ILE A 39 -26.50 -5.11 19.33
CA ILE A 39 -25.53 -4.77 18.29
C ILE A 39 -24.24 -5.57 18.45
N LEU A 40 -23.78 -5.76 19.69
CA LEU A 40 -22.56 -6.52 19.94
C LEU A 40 -22.70 -7.99 19.58
N GLN A 41 -23.88 -8.57 19.71
CA GLN A 41 -24.00 -9.96 19.31
C GLN A 41 -24.34 -10.13 17.84
N GLU A 42 -24.87 -9.08 17.17
CA GLU A 42 -25.03 -9.12 15.72
C GLU A 42 -23.77 -8.73 14.93
N ASP A 43 -22.87 -7.92 15.49
CA ASP A 43 -21.71 -7.42 14.77
C ASP A 43 -20.38 -7.78 15.40
N GLY A 44 -20.34 -8.20 16.66
CA GLY A 44 -19.09 -8.38 17.36
C GLY A 44 -18.43 -7.11 17.85
N CYS A 45 -18.96 -5.94 17.52
CA CYS A 45 -18.43 -4.67 17.98
C CYS A 45 -19.55 -3.62 18.03
N VAL A 46 -19.40 -2.66 18.93
CA VAL A 46 -20.37 -1.57 19.08
C VAL A 46 -19.65 -0.42 19.78
N ILE A 47 -19.92 0.80 19.30
CA ILE A 47 -19.46 2.03 19.95
C ILE A 47 -20.59 2.58 20.80
N VAL A 48 -20.36 2.70 22.11
CA VAL A 48 -21.33 3.26 23.03
C VAL A 48 -20.88 4.69 23.37
N GLU A 49 -21.69 5.68 22.98
CA GLU A 49 -21.32 7.07 23.20
C GLU A 49 -21.86 7.60 24.53
N GLN A 50 -21.14 8.56 25.10
CA GLN A 50 -21.48 9.15 26.40
C GLN A 50 -21.82 8.08 27.43
N VAL A 51 -20.90 7.14 27.62
CA VAL A 51 -21.07 6.06 28.58
C VAL A 51 -20.52 6.41 29.95
N ILE A 52 -19.59 7.37 30.02
CA ILE A 52 -18.87 7.72 31.24
C ILE A 52 -18.63 9.23 31.19
N CYS A 53 -18.65 9.87 32.37
CA CYS A 53 -18.35 11.31 32.45
C CYS A 53 -16.92 11.58 31.96
N PRO A 54 -16.72 12.57 31.09
CA PRO A 54 -15.36 12.82 30.58
C PRO A 54 -14.38 13.34 31.63
N ASN A 55 -14.87 13.86 32.76
CA ASN A 55 -13.98 14.34 33.83
C ASN A 55 -13.25 13.18 34.49
N ILE A 56 -13.99 12.10 34.79
CA ILE A 56 -13.40 10.83 35.23
C ILE A 56 -12.23 10.44 34.34
N ILE A 57 -12.48 10.37 33.03
CA ILE A 57 -11.45 9.97 32.09
C ILE A 57 -10.28 10.94 32.13
N ALA A 58 -10.55 12.22 32.39
CA ALA A 58 -9.45 13.20 32.48
C ALA A 58 -8.55 12.92 33.68
N LYS A 59 -9.13 12.59 34.84
CA LYS A 59 -8.33 12.18 36.00
C LYS A 59 -7.50 10.95 35.70
N ILE A 60 -8.11 9.96 35.05
CA ILE A 60 -7.36 8.76 34.70
C ILE A 60 -6.21 9.10 33.76
N SER A 61 -6.44 10.00 32.80
CA SER A 61 -5.36 10.34 31.88
C SER A 61 -4.24 11.10 32.61
N ASP A 62 -4.60 11.95 33.56
CA ASP A 62 -3.67 12.58 34.51
C ASP A 62 -2.70 11.58 35.14
N ASP A 63 -3.30 10.65 35.91
CA ASP A 63 -2.56 9.59 36.57
C ASP A 63 -1.66 8.83 35.61
N VAL A 64 -2.20 8.45 34.45
CA VAL A 64 -1.43 7.62 33.51
C VAL A 64 -0.27 8.41 32.91
N ASN A 65 -0.46 9.71 32.65
CA ASN A 65 0.61 10.52 32.06
C ASN A 65 1.75 10.76 33.04
N ARG A 66 1.46 10.87 34.34
CA ARG A 66 2.55 10.96 35.30
C ARG A 66 3.60 9.87 35.08
N VAL A 67 3.16 8.61 34.97
CA VAL A 67 4.05 7.47 35.05
C VAL A 67 4.30 6.84 33.67
N MET A 68 4.08 7.58 32.58
CA MET A 68 4.23 7.01 31.24
C MET A 68 5.70 6.84 30.82
N ASP A 69 6.62 7.61 31.41
CA ASP A 69 8.04 7.51 31.09
C ASP A 69 8.70 6.24 31.63
N LYS A 70 7.96 5.40 32.35
CA LYS A 70 8.48 4.15 32.89
C LYS A 70 7.89 2.92 32.19
N ALA A 71 7.34 3.08 30.99
CA ALA A 71 6.69 1.97 30.31
C ALA A 71 7.60 1.38 29.24
N THR A 72 7.27 0.15 28.83
CA THR A 72 8.06 -0.64 27.89
C THR A 72 7.59 -0.38 26.46
N ILE A 73 8.55 -0.06 25.57
CA ILE A 73 8.28 0.13 24.14
C ILE A 73 8.48 -1.19 23.42
N GLY A 74 7.52 -1.56 22.57
CA GLY A 74 7.60 -2.82 21.85
C GLY A 74 7.17 -4.04 22.67
N ALA A 75 7.61 -5.21 22.22
CA ALA A 75 7.27 -6.46 22.86
C ALA A 75 7.87 -6.55 24.26
N LYS A 76 7.27 -7.40 25.09
CA LYS A 76 7.87 -7.81 26.34
C LYS A 76 8.82 -8.99 26.09
N LYS A 77 9.57 -9.36 27.13
CA LYS A 77 10.66 -10.33 27.01
C LYS A 77 10.15 -11.70 26.53
N GLY A 78 10.73 -12.18 25.43
CA GLY A 78 10.44 -13.51 24.90
C GLY A 78 9.05 -13.77 24.31
N GLU A 79 8.43 -12.75 23.71
CA GLU A 79 7.13 -12.88 23.06
C GLU A 79 7.29 -12.54 21.58
N GLN A 80 6.92 -13.47 20.71
CA GLN A 80 6.92 -13.20 19.27
C GLN A 80 5.90 -12.11 18.92
N THR A 81 6.08 -11.49 17.74
CA THR A 81 5.38 -10.27 17.38
C THR A 81 4.68 -10.30 16.03
N HIS A 82 4.56 -11.46 15.39
CA HIS A 82 4.04 -11.49 14.02
C HIS A 82 2.55 -11.85 13.93
N ILE A 83 1.91 -12.24 15.04
CA ILE A 83 0.48 -12.50 15.00
C ILE A 83 -0.31 -11.19 14.90
N ILE A 84 0.13 -10.15 15.62
CA ILE A 84 -0.57 -8.87 15.63
C ILE A 84 0.28 -7.72 15.09
N ASN A 85 1.51 -7.96 14.64
CA ASN A 85 2.43 -6.90 14.21
C ASN A 85 2.74 -5.95 15.38
N MET A 86 3.37 -6.52 16.41
CA MET A 86 3.82 -5.79 17.58
C MET A 86 5.16 -5.13 17.27
N HIS A 87 5.20 -3.79 17.33
CA HIS A 87 6.35 -3.03 16.83
C HIS A 87 6.70 -1.92 17.83
N ASN A 88 7.64 -1.07 17.41
CA ASN A 88 8.37 -0.21 18.34
C ASN A 88 7.97 1.26 18.24
N ARG A 89 6.75 1.54 17.75
CA ARG A 89 6.14 2.84 17.96
C ARG A 89 4.77 2.68 18.58
N THR A 90 4.63 1.68 19.44
CA THR A 90 3.49 1.54 20.33
C THR A 90 4.01 1.28 21.74
N ILE A 91 3.26 1.78 22.73
CA ILE A 91 3.51 1.53 24.14
C ILE A 91 2.25 0.90 24.73
N HIS A 92 2.41 -0.26 25.35
CA HIS A 92 1.37 -0.88 26.14
C HIS A 92 1.83 -0.85 27.59
N MET A 93 1.00 -0.32 28.48
CA MET A 93 1.36 -0.19 29.89
C MET A 93 0.26 -0.74 30.80
N GLY A 94 0.60 -1.61 31.72
CA GLY A 94 -0.34 -2.17 32.68
C GLY A 94 -0.22 -1.56 34.06
N ASP A 95 -0.55 -2.36 35.07
CA ASP A 95 -0.44 -1.92 36.47
C ASP A 95 -1.31 -0.67 36.74
N LEU A 96 -2.50 -0.64 36.17
CA LEU A 96 -3.36 0.53 36.36
C LEU A 96 -4.00 0.60 37.74
N VAL A 97 -4.07 -0.53 38.44
CA VAL A 97 -4.69 -0.58 39.76
C VAL A 97 -3.93 0.29 40.74
N LEU A 98 -2.60 0.24 40.70
CA LEU A 98 -1.74 1.06 41.55
C LEU A 98 -1.55 2.46 41.02
N THR A 99 -1.83 2.69 39.73
CA THR A 99 -1.53 3.98 39.11
C THR A 99 -2.65 4.99 39.32
N SER A 100 -3.89 4.53 39.43
CA SER A 100 -5.03 5.45 39.42
C SER A 100 -6.08 4.97 40.41
N LYS A 101 -6.40 5.83 41.39
CA LYS A 101 -7.55 5.55 42.26
C LYS A 101 -8.86 5.72 41.50
N THR A 102 -8.94 6.70 40.60
CA THR A 102 -10.16 6.85 39.82
C THR A 102 -10.43 5.60 38.98
N TYR A 103 -9.38 4.90 38.56
CA TYR A 103 -9.56 3.64 37.84
C TYR A 103 -10.13 2.55 38.76
N ARG A 104 -9.55 2.37 39.95
CA ARG A 104 -10.07 1.41 40.92
C ARG A 104 -11.48 1.73 41.35
N ASP A 105 -11.83 3.01 41.43
CA ASP A 105 -13.10 3.41 42.02
C ASP A 105 -14.18 3.58 40.96
N GLU A 106 -13.93 4.42 39.96
CA GLU A 106 -14.96 4.71 38.99
C GLU A 106 -15.02 3.63 37.91
N LEU A 107 -13.92 3.45 37.17
CA LEU A 107 -13.97 2.65 35.96
C LEU A 107 -14.29 1.18 36.24
N LEU A 108 -13.69 0.60 37.27
CA LEU A 108 -13.91 -0.83 37.48
C LEU A 108 -15.30 -1.15 38.01
N ASN A 109 -16.09 -0.14 38.39
CA ASN A 109 -17.44 -0.32 38.89
C ASN A 109 -18.52 0.18 37.94
N LEU A 110 -18.15 0.68 36.75
CA LEU A 110 -19.12 1.27 35.83
C LEU A 110 -20.25 0.29 35.53
N PRO A 111 -21.51 0.61 35.87
CA PRO A 111 -22.57 -0.42 35.80
C PRO A 111 -22.96 -0.84 34.39
N PHE A 112 -22.92 0.07 33.41
CA PHE A 112 -23.15 -0.30 32.01
C PHE A 112 -22.24 -1.45 31.59
N ALA A 113 -20.94 -1.30 31.87
CA ALA A 113 -19.93 -2.31 31.51
C ALA A 113 -20.26 -3.68 32.10
N HIS A 114 -20.68 -3.72 33.36
CA HIS A 114 -21.06 -4.97 34.01
C HIS A 114 -22.42 -5.51 33.57
N GLU A 115 -23.32 -4.65 33.09
CA GLU A 115 -24.53 -5.16 32.48
C GLU A 115 -24.20 -5.93 31.22
N VAL A 116 -23.38 -5.32 30.35
CA VAL A 116 -22.94 -5.99 29.12
C VAL A 116 -22.14 -7.26 29.43
N LEU A 117 -21.11 -7.16 30.28
CA LEU A 117 -20.30 -8.36 30.60
C LEU A 117 -21.13 -9.47 31.24
N GLU A 118 -22.16 -9.14 32.02
CA GLU A 118 -22.99 -10.20 32.59
C GLU A 118 -23.82 -10.85 31.49
N LYS A 119 -24.32 -10.06 30.54
CA LYS A 119 -25.04 -10.65 29.42
C LYS A 119 -24.14 -11.58 28.60
N VAL A 120 -22.87 -11.23 28.43
CA VAL A 120 -21.96 -12.06 27.63
C VAL A 120 -21.60 -13.35 28.36
N PHE A 121 -21.17 -13.26 29.63
CA PHE A 121 -20.45 -14.36 30.27
C PHE A 121 -21.30 -15.28 31.16
N LYS A 122 -22.43 -14.80 31.72
CA LYS A 122 -23.07 -15.45 32.86
C LYS A 122 -23.55 -16.88 32.56
N LYS A 123 -24.21 -17.09 31.42
CA LYS A 123 -24.81 -18.40 31.17
C LYS A 123 -23.81 -19.40 30.60
N ASP A 124 -22.92 -18.93 29.72
CA ASP A 124 -21.93 -19.80 29.08
C ASP A 124 -20.79 -20.21 30.01
N SER A 125 -20.49 -19.40 31.03
CA SER A 125 -19.23 -19.55 31.75
C SER A 125 -19.31 -19.27 33.24
N GLY A 126 -20.16 -18.33 33.68
CA GLY A 126 -20.22 -17.99 35.09
C GLY A 126 -19.54 -16.67 35.40
N ASP A 127 -18.89 -16.54 36.55
CA ASP A 127 -18.28 -15.25 36.87
C ASP A 127 -17.15 -14.96 35.87
N TYR A 128 -16.71 -13.70 35.89
CA TYR A 128 -15.71 -13.17 34.97
C TYR A 128 -14.81 -12.23 35.79
N TRP A 129 -13.60 -12.01 35.29
CA TRP A 129 -12.72 -11.01 35.88
C TRP A 129 -11.86 -10.46 34.75
N LEU A 130 -10.92 -9.57 35.10
CA LEU A 130 -10.06 -8.98 34.08
C LEU A 130 -9.00 -9.96 33.58
N ASN A 131 -8.82 -9.98 32.26
CA ASN A 131 -7.52 -10.36 31.70
C ASN A 131 -6.48 -9.33 32.08
N MET A 132 -6.74 -8.06 31.78
CA MET A 132 -5.95 -6.97 32.35
C MET A 132 -6.60 -5.66 31.95
N GLY A 133 -6.09 -4.57 32.52
CA GLY A 133 -6.36 -3.23 32.06
C GLY A 133 -5.07 -2.65 31.50
N ASN A 134 -5.17 -2.04 30.32
CA ASN A 134 -4.01 -1.80 29.47
C ASN A 134 -4.06 -0.41 28.85
N ILE A 135 -2.96 0.31 28.87
CA ILE A 135 -2.85 1.58 28.16
C ILE A 135 -2.32 1.30 26.76
N LEU A 136 -3.11 1.68 25.74
CA LEU A 136 -2.79 1.50 24.34
C LEU A 136 -2.36 2.85 23.78
N ASN A 137 -1.04 3.04 23.66
CA ASN A 137 -0.44 4.29 23.18
C ASN A 137 0.13 4.04 21.78
N MET A 138 -0.53 4.62 20.77
CA MET A 138 -0.09 4.57 19.38
C MET A 138 0.66 5.87 19.12
N LEU A 139 1.98 5.76 18.99
CA LEU A 139 2.85 6.92 18.86
C LEU A 139 2.79 7.50 17.45
N PRO A 140 3.10 8.78 17.29
CA PRO A 140 3.20 9.35 15.94
C PRO A 140 4.14 8.54 15.07
N GLY A 141 3.64 8.08 13.92
CA GLY A 141 4.39 7.23 13.02
C GLY A 141 4.06 5.75 13.09
N ALA A 142 3.19 5.34 14.02
CA ALA A 142 2.92 3.92 14.25
C ALA A 142 2.14 3.32 13.09
N GLU A 143 2.54 2.13 12.67
CA GLU A 143 1.84 1.47 11.57
C GLU A 143 0.68 0.65 12.10
N ALA A 144 -0.20 0.27 11.18
CA ALA A 144 -1.34 -0.57 11.54
C ALA A 144 -0.87 -1.97 11.97
N GLN A 145 -1.65 -2.59 12.83
CA GLN A 145 -1.39 -3.97 13.17
C GLN A 145 -2.04 -4.86 12.13
N ARG A 146 -1.68 -6.14 12.15
CA ARG A 146 -2.40 -7.12 11.36
C ARG A 146 -3.74 -7.36 12.02
N PRO A 147 -4.87 -7.20 11.30
CA PRO A 147 -6.16 -7.58 11.87
C PRO A 147 -6.09 -9.00 12.44
N HIS A 148 -6.67 -9.16 13.64
CA HIS A 148 -6.55 -10.40 14.38
C HIS A 148 -7.75 -10.57 15.28
N ARG A 149 -7.84 -11.73 15.90
CA ARG A 149 -8.73 -12.03 17.01
C ARG A 149 -7.91 -12.08 18.31
N ASP A 150 -8.40 -11.41 19.36
CA ASP A 150 -7.76 -11.40 20.67
C ASP A 150 -7.86 -12.73 21.38
N ASP A 151 -8.85 -13.55 21.06
CA ASP A 151 -8.96 -14.83 21.75
C ASP A 151 -7.92 -15.83 21.29
N TYR A 152 -7.13 -15.50 20.27
CA TYR A 152 -5.94 -16.27 19.95
C TYR A 152 -4.99 -16.40 21.12
N LEU A 153 -5.04 -15.49 22.10
CA LEU A 153 -4.16 -15.61 23.27
C LEU A 153 -4.31 -16.97 23.96
N TYR A 154 -5.53 -17.53 23.96
CA TYR A 154 -5.84 -18.77 24.68
C TYR A 154 -5.88 -19.94 23.71
N PRO A 155 -5.03 -20.96 23.86
CA PRO A 155 -4.96 -22.05 22.87
C PRO A 155 -6.27 -22.82 22.65
N VAL A 156 -7.11 -22.99 23.68
CA VAL A 156 -8.35 -23.76 23.51
C VAL A 156 -9.25 -23.14 22.44
N SER A 157 -9.13 -21.84 22.20
CA SER A 157 -10.02 -21.18 21.23
C SER A 157 -9.82 -21.71 19.82
N GLN A 158 -8.66 -22.31 19.51
CA GLN A 158 -8.55 -22.88 18.16
C GLN A 158 -9.25 -24.24 18.05
N HIS A 159 -9.72 -24.82 19.16
CA HIS A 159 -10.34 -26.14 19.17
C HIS A 159 -11.85 -26.06 19.34
N MET A 160 -12.42 -24.90 19.09
CA MET A 160 -13.82 -24.64 19.27
C MET A 160 -14.34 -23.96 18.00
N ASP A 161 -15.59 -24.23 17.66
CA ASP A 161 -16.20 -23.59 16.51
C ASP A 161 -16.63 -22.18 16.89
N PRO A 162 -16.09 -21.13 16.25
CA PRO A 162 -16.50 -19.76 16.61
C PRO A 162 -17.99 -19.49 16.45
N ALA A 163 -18.70 -20.24 15.61
CA ALA A 163 -20.13 -20.01 15.42
C ALA A 163 -20.93 -20.34 16.68
N THR A 164 -20.46 -21.29 17.49
CA THR A 164 -21.21 -21.75 18.66
C THR A 164 -20.45 -21.70 19.97
N SER A 165 -19.14 -21.57 19.96
CA SER A 165 -18.40 -21.62 21.21
C SER A 165 -18.67 -20.36 22.03
N PRO A 166 -18.45 -20.41 23.34
CA PRO A 166 -18.69 -19.22 24.15
C PRO A 166 -17.61 -18.16 23.95
N ASP A 167 -17.90 -16.94 24.38
CA ASP A 167 -16.93 -15.86 24.28
C ASP A 167 -15.87 -16.02 25.35
N LEU A 168 -14.59 -15.93 24.95
CA LEU A 168 -13.48 -15.99 25.88
C LEU A 168 -12.97 -14.62 26.31
N MET A 169 -13.35 -13.54 25.62
CA MET A 169 -12.81 -12.23 25.94
C MET A 169 -13.78 -11.14 25.47
N ILE A 170 -13.84 -10.05 26.23
CA ILE A 170 -14.56 -8.85 25.85
C ILE A 170 -13.62 -7.67 26.11
N ASN A 171 -13.44 -6.83 25.11
CA ASN A 171 -12.61 -5.65 25.21
C ASN A 171 -13.47 -4.38 25.25
N ILE A 172 -13.23 -3.53 26.24
CA ILE A 172 -13.85 -2.22 26.33
C ILE A 172 -12.73 -1.18 26.31
N THR A 173 -12.70 -0.37 25.27
CA THR A 173 -11.64 0.62 25.04
C THR A 173 -12.22 2.01 25.22
N PHE A 174 -11.64 2.75 26.16
CA PHE A 174 -11.98 4.14 26.39
C PHE A 174 -10.92 5.02 25.77
N PRO A 175 -11.18 5.74 24.69
CA PRO A 175 -10.23 6.79 24.26
C PRO A 175 -10.00 7.80 25.37
N LEU A 176 -8.72 8.08 25.61
CA LEU A 176 -8.32 9.11 26.56
C LEU A 176 -8.13 10.47 25.88
N ASN A 177 -7.78 10.46 24.60
CA ASN A 177 -8.03 11.60 23.71
C ASN A 177 -8.92 11.11 22.56
N GLU A 178 -9.10 11.94 21.55
CA GLU A 178 -10.06 11.62 20.50
C GLU A 178 -9.49 10.60 19.49
N PHE A 179 -10.33 9.66 19.08
CA PHE A 179 -9.97 8.64 18.09
C PHE A 179 -10.53 9.04 16.74
N ARG A 180 -9.69 8.99 15.70
CA ARG A 180 -10.12 9.18 14.33
C ARG A 180 -9.37 8.17 13.47
N HIS A 181 -9.58 8.23 12.15
CA HIS A 181 -8.85 7.32 11.28
C HIS A 181 -7.38 7.73 11.16
N ASP A 182 -7.12 9.04 11.01
CA ASP A 182 -5.78 9.53 10.73
C ASP A 182 -4.82 9.38 11.92
N ASN A 183 -5.32 9.27 13.13
CA ASN A 183 -4.47 9.08 14.30
C ASN A 183 -4.49 7.63 14.81
N GLY A 184 -5.02 6.70 14.03
CA GLY A 184 -4.91 5.30 14.36
C GLY A 184 -6.01 4.69 15.23
N GLY A 185 -7.21 5.28 15.26
CA GLY A 185 -8.29 4.68 16.01
C GLY A 185 -8.57 3.26 15.54
N THR A 186 -9.06 2.44 16.47
CA THR A 186 -9.09 0.99 16.30
C THR A 186 -9.85 0.61 15.02
N LEU A 187 -9.20 -0.17 14.16
CA LEU A 187 -9.82 -0.72 12.96
C LEU A 187 -10.58 -1.99 13.29
N LEU A 188 -11.80 -2.12 12.77
CA LEU A 188 -12.63 -3.27 13.05
C LEU A 188 -13.26 -3.78 11.75
N LEU A 189 -13.62 -5.06 11.76
CA LEU A 189 -14.32 -5.72 10.66
C LEU A 189 -15.65 -6.20 11.24
N PRO A 190 -16.72 -5.40 11.15
CA PRO A 190 -17.98 -5.81 11.75
C PRO A 190 -18.54 -7.05 11.07
N LYS A 191 -19.26 -7.85 11.87
CA LYS A 191 -19.90 -9.11 11.49
C LYS A 191 -18.89 -10.22 11.19
N SER A 192 -17.65 -10.07 11.67
CA SER A 192 -16.57 -11.03 11.43
C SER A 192 -16.37 -12.01 12.57
N HIS A 193 -17.37 -12.20 13.44
CA HIS A 193 -17.14 -12.87 14.71
C HIS A 193 -17.70 -14.29 14.76
N THR A 194 -18.38 -14.75 13.71
CA THR A 194 -18.90 -16.11 13.68
C THR A 194 -18.09 -17.06 12.80
N GLY A 195 -17.38 -16.54 11.80
CA GLY A 195 -16.65 -17.36 10.85
C GLY A 195 -15.47 -18.11 11.45
N PRO A 196 -14.95 -19.09 10.71
CA PRO A 196 -13.86 -19.93 11.25
C PRO A 196 -12.57 -19.15 11.44
N ASN A 197 -11.74 -19.65 12.36
CA ASN A 197 -10.43 -19.04 12.57
C ASN A 197 -9.61 -19.20 11.31
N ALA A 198 -8.76 -18.21 11.04
CA ALA A 198 -7.97 -18.15 9.83
C ALA A 198 -6.64 -17.48 10.16
N ASP A 199 -5.63 -17.77 9.36
CA ASP A 199 -4.34 -17.12 9.57
C ASP A 199 -4.25 -15.77 8.89
N PHE A 200 -5.24 -15.42 8.07
CA PHE A 200 -5.37 -14.10 7.48
C PHE A 200 -6.84 -13.78 7.44
N TYR A 201 -7.20 -12.54 7.80
CA TYR A 201 -8.58 -12.08 7.70
C TYR A 201 -8.76 -10.92 6.74
N ALA A 202 -7.98 -9.85 6.88
CA ALA A 202 -8.15 -8.69 6.02
C ALA A 202 -6.89 -7.84 6.09
N ASN A 203 -6.70 -6.99 5.09
CA ASN A 203 -5.67 -5.97 5.18
C ASN A 203 -6.21 -4.77 5.95
N ALA A 204 -5.33 -4.18 6.78
CA ALA A 204 -5.76 -3.07 7.63
C ALA A 204 -6.33 -1.92 6.81
N GLU A 205 -5.76 -1.66 5.64
CA GLU A 205 -6.20 -0.56 4.78
C GLU A 205 -7.65 -0.73 4.30
N ASP A 206 -8.27 -1.89 4.49
CA ASP A 206 -9.63 -2.12 4.05
C ASP A 206 -10.67 -2.01 5.16
N LEU A 207 -10.27 -1.68 6.38
CA LEU A 207 -11.20 -1.71 7.49
C LEU A 207 -11.61 -0.32 7.94
N PRO A 208 -12.82 -0.16 8.47
CA PRO A 208 -13.20 1.12 9.09
C PRO A 208 -12.60 1.27 10.49
N ALA A 209 -12.35 2.53 10.86
CA ALA A 209 -11.83 2.89 12.17
C ALA A 209 -12.95 3.28 13.11
N ALA A 210 -12.73 2.97 14.39
CA ALA A 210 -13.61 3.41 15.46
C ALA A 210 -13.25 4.86 15.79
N GLU A 211 -14.12 5.80 15.41
CA GLU A 211 -13.93 7.22 15.67
C GLU A 211 -14.86 7.66 16.80
N MET A 212 -14.31 8.38 17.76
CA MET A 212 -15.02 8.67 18.99
C MET A 212 -14.21 9.58 19.93
N GLN A 213 -14.81 9.94 21.05
CA GLN A 213 -14.34 11.02 21.91
C GLN A 213 -14.16 10.47 23.31
N VAL A 214 -13.51 11.28 24.15
CA VAL A 214 -13.50 11.07 25.59
C VAL A 214 -14.93 11.01 26.10
N GLY A 215 -15.23 10.00 26.90
CA GLY A 215 -16.57 9.71 27.32
C GLY A 215 -17.20 8.53 26.61
N ASP A 216 -16.77 8.23 25.38
CA ASP A 216 -17.25 7.08 24.62
C ASP A 216 -16.41 5.83 24.91
N ALA A 217 -16.95 4.67 24.53
CA ALA A 217 -16.18 3.44 24.62
C ALA A 217 -16.51 2.53 23.44
N LEU A 218 -15.50 1.85 22.91
CA LEU A 218 -15.69 0.78 21.93
C LEU A 218 -15.68 -0.57 22.63
N ILE A 219 -16.67 -1.42 22.36
CA ILE A 219 -16.80 -2.76 22.93
C ILE A 219 -16.74 -3.78 21.80
N PHE A 220 -15.83 -4.75 21.89
CA PHE A 220 -15.78 -5.81 20.87
C PHE A 220 -15.34 -7.12 21.52
N THR A 221 -15.75 -8.25 20.92
CA THR A 221 -15.52 -9.55 21.54
C THR A 221 -14.17 -10.11 21.10
N GLY A 222 -13.73 -11.14 21.82
CA GLY A 222 -12.51 -11.86 21.49
C GLY A 222 -12.51 -12.49 20.11
N LYS A 223 -13.66 -12.52 19.42
CA LYS A 223 -13.73 -13.03 18.06
C LYS A 223 -13.84 -11.93 17.01
N CYS A 224 -14.07 -10.69 17.40
CA CYS A 224 -14.14 -9.61 16.42
C CYS A 224 -12.75 -9.34 15.85
N VAL A 225 -12.65 -9.39 14.51
CA VAL A 225 -11.42 -9.03 13.79
C VAL A 225 -11.20 -7.53 13.88
N HIS A 226 -10.01 -7.14 14.30
CA HIS A 226 -9.72 -5.75 14.65
C HIS A 226 -8.20 -5.59 14.67
N GLY A 227 -7.76 -4.36 14.86
CA GLY A 227 -6.39 -4.08 15.22
C GLY A 227 -6.16 -2.59 15.24
N GLY A 228 -5.06 -2.20 15.86
CA GLY A 228 -4.73 -0.78 15.89
C GLY A 228 -4.43 -0.25 14.51
N GLY A 229 -4.74 1.04 14.31
CA GLY A 229 -4.51 1.68 13.04
C GLY A 229 -3.20 2.46 13.01
N ALA A 230 -2.90 2.98 11.82
CA ALA A 230 -1.69 3.77 11.65
C ALA A 230 -1.91 5.17 12.19
N ASN A 231 -1.06 5.61 13.10
CA ASN A 231 -1.11 6.99 13.57
C ASN A 231 -0.35 7.86 12.59
N ARG A 232 -1.07 8.52 11.69
CA ARG A 232 -0.46 9.41 10.71
C ARG A 232 -0.49 10.85 11.16
N SER A 233 -0.72 11.10 12.45
CA SER A 233 -0.72 12.44 13.00
C SER A 233 0.58 12.68 13.77
N ASP A 234 0.68 13.84 14.43
CA ASP A 234 1.87 14.19 15.18
C ASP A 234 1.63 14.28 16.68
N LYS A 235 0.57 13.65 17.16
CA LYS A 235 0.35 13.45 18.59
C LYS A 235 0.05 11.98 18.83
N PRO A 236 0.27 11.50 20.06
CA PRO A 236 -0.05 10.10 20.37
C PRO A 236 -1.54 9.89 20.56
N ARG A 237 -2.01 8.72 20.12
CA ARG A 237 -3.40 8.30 20.27
C ARG A 237 -3.45 7.26 21.38
N ILE A 238 -4.13 7.58 22.49
CA ILE A 238 -4.09 6.75 23.69
C ILE A 238 -5.50 6.34 24.10
N GLY A 239 -5.70 5.03 24.26
CA GLY A 239 -6.91 4.51 24.86
C GLY A 239 -6.57 3.65 26.07
N LEU A 240 -7.59 3.34 26.86
CA LEU A 240 -7.48 2.42 27.99
C LEU A 240 -8.40 1.23 27.72
N ALA A 241 -7.85 0.04 27.73
CA ALA A 241 -8.59 -1.16 27.40
C ALA A 241 -8.79 -1.99 28.65
N LEU A 242 -10.02 -2.08 29.12
CA LEU A 242 -10.44 -3.11 30.07
C LEU A 242 -10.75 -4.39 29.30
N ALA A 243 -9.95 -5.42 29.49
CA ALA A 243 -10.23 -6.72 28.88
C ALA A 243 -10.64 -7.71 29.98
N ALA A 244 -11.87 -8.22 29.86
CA ALA A 244 -12.47 -9.18 30.77
C ALA A 244 -12.59 -10.55 30.08
N GLN A 245 -12.67 -11.58 30.92
CA GLN A 245 -12.69 -12.96 30.44
C GLN A 245 -13.33 -13.81 31.53
N PRO A 246 -13.73 -15.04 31.20
CA PRO A 246 -14.23 -15.96 32.24
C PRO A 246 -13.23 -16.17 33.36
N GLY A 247 -13.76 -16.38 34.56
CA GLY A 247 -12.92 -16.62 35.72
C GLY A 247 -12.11 -17.90 35.65
N TYR A 248 -12.49 -18.82 34.78
CA TYR A 248 -11.67 -20.02 34.63
C TYR A 248 -10.43 -19.81 33.75
N LEU A 249 -10.23 -18.62 33.18
CA LEU A 249 -9.04 -18.30 32.40
C LEU A 249 -8.09 -17.45 33.23
N THR A 250 -6.80 -17.77 33.17
CA THR A 250 -5.80 -17.12 34.02
C THR A 250 -5.51 -15.71 33.54
N PRO A 251 -5.66 -14.68 34.38
CA PRO A 251 -5.37 -13.32 33.93
C PRO A 251 -3.93 -13.18 33.44
N ARG A 252 -3.75 -12.34 32.42
CA ARG A 252 -2.40 -12.01 31.97
C ARG A 252 -1.64 -11.23 33.05
N GLU A 253 -2.34 -10.40 33.82
CA GLU A 253 -1.71 -9.56 34.82
C GLU A 253 -2.25 -9.94 36.19
N SER A 254 -1.35 -10.40 37.06
CA SER A 254 -1.62 -10.67 38.46
C SER A 254 -1.55 -9.38 39.28
N ASN A 255 -2.24 -9.38 40.42
CA ASN A 255 -2.27 -8.21 41.30
C ASN A 255 -1.91 -8.56 42.74
N VAL A 256 -1.15 -9.64 42.96
CA VAL A 256 -0.84 -10.08 44.33
C VAL A 256 0.05 -9.09 45.08
N ASN A 257 0.66 -8.14 44.38
CA ASN A 257 1.57 -7.15 44.94
C ASN A 257 0.88 -5.84 45.28
N VAL A 258 -0.43 -5.77 45.14
CA VAL A 258 -1.18 -4.58 45.55
C VAL A 258 -1.40 -4.63 47.05
N PRO A 259 -1.09 -3.55 47.77
CA PRO A 259 -1.26 -3.55 49.22
C PRO A 259 -2.68 -3.93 49.61
N ARG A 260 -2.77 -4.78 50.62
CA ARG A 260 -4.07 -5.18 51.13
C ARG A 260 -4.89 -3.99 51.57
N ASP A 261 -4.24 -2.91 52.00
CA ASP A 261 -4.98 -1.74 52.46
C ASP A 261 -5.57 -0.94 51.31
N ILE A 262 -4.92 -0.95 50.15
CA ILE A 262 -5.56 -0.44 48.93
C ILE A 262 -6.75 -1.33 48.56
N VAL A 263 -6.53 -2.63 48.57
CA VAL A 263 -7.56 -3.56 48.09
C VAL A 263 -8.80 -3.50 48.97
N GLU A 264 -8.65 -3.17 50.25
CA GLU A 264 -9.84 -3.16 51.11
C GLU A 264 -10.63 -1.85 51.03
N THR A 265 -10.17 -0.88 50.24
CA THR A 265 -11.00 0.29 49.92
C THR A 265 -11.85 0.10 48.67
N MET A 266 -11.70 -1.02 47.95
CA MET A 266 -12.44 -1.32 46.73
C MET A 266 -13.68 -2.13 47.04
N THR A 267 -14.63 -2.15 46.09
CA THR A 267 -15.88 -2.90 46.26
C THR A 267 -15.63 -4.39 46.04
N PRO A 268 -16.55 -5.26 46.47
CA PRO A 268 -16.36 -6.70 46.23
C PRO A 268 -16.23 -7.06 44.76
N LEU A 269 -17.08 -6.48 43.91
CA LEU A 269 -17.04 -6.71 42.47
C LEU A 269 -15.68 -6.33 41.88
N ALA A 270 -15.17 -5.14 42.22
CA ALA A 270 -13.89 -4.68 41.69
C ALA A 270 -12.72 -5.46 42.27
N GLN A 271 -12.82 -5.88 43.54
CA GLN A 271 -11.81 -6.79 44.10
C GLN A 271 -11.78 -8.12 43.36
N ARG A 272 -12.95 -8.64 42.97
CA ARG A 272 -12.96 -9.85 42.15
C ARG A 272 -12.37 -9.59 40.77
N MET A 273 -12.63 -8.40 40.21
CA MET A 273 -12.09 -8.04 38.89
C MET A 273 -10.58 -8.14 38.88
N ILE A 274 -9.91 -7.60 39.91
CA ILE A 274 -8.45 -7.67 39.97
C ILE A 274 -7.95 -8.97 40.60
N GLY A 275 -8.80 -9.99 40.66
CA GLY A 275 -8.36 -11.29 41.12
C GLY A 275 -8.32 -11.50 42.61
N TRP A 276 -8.89 -10.58 43.40
CA TRP A 276 -8.93 -10.72 44.86
C TRP A 276 -10.31 -11.19 45.30
N GLY A 277 -10.65 -12.39 44.87
CA GLY A 277 -11.91 -13.01 45.20
C GLY A 277 -12.11 -14.32 44.48
N THR A 278 -13.04 -15.15 44.95
CA THR A 278 -13.34 -16.41 44.30
C THR A 278 -14.22 -16.16 43.08
N VAL A 279 -14.00 -16.93 42.03
CA VAL A 279 -14.81 -16.90 40.81
C VAL A 279 -15.48 -18.27 40.68
N ARG A 280 -16.80 -18.28 40.51
CA ARG A 280 -17.54 -19.53 40.39
C ARG A 280 -17.88 -19.77 38.93
N THR A 281 -17.86 -21.04 38.51
CA THR A 281 -18.28 -21.36 37.15
C THR A 281 -19.81 -21.38 37.08
N LYS A 282 -20.34 -21.36 35.85
CA LYS A 282 -21.78 -21.46 35.68
C LYS A 282 -22.33 -22.76 36.25
N ASP A 283 -21.46 -23.76 36.48
CA ASP A 283 -21.79 -25.02 37.12
C ASP A 283 -21.71 -24.97 38.64
N THR A 284 -21.45 -23.79 39.22
CA THR A 284 -21.39 -23.44 40.65
C THR A 284 -20.06 -23.78 41.35
N TYR A 285 -19.06 -24.36 40.66
CA TYR A 285 -17.79 -24.69 41.31
C TYR A 285 -16.90 -23.46 41.39
N GLY A 286 -16.25 -23.29 42.54
CA GLY A 286 -15.35 -22.18 42.75
C GLY A 286 -13.95 -22.45 42.24
N LEU A 287 -13.33 -21.39 41.70
CA LEU A 287 -11.92 -21.38 41.37
C LEU A 287 -11.31 -20.22 42.13
N ASN A 288 -10.00 -20.31 42.39
CA ASN A 288 -9.28 -19.29 43.14
C ASN A 288 -9.81 -19.18 44.59
N MET A 289 -9.99 -20.32 45.23
CA MET A 289 -10.37 -20.38 46.64
C MET A 289 -9.14 -20.39 47.53
N LEU A 290 -9.35 -20.13 48.81
CA LEU A 290 -8.28 -20.18 49.80
C LEU A 290 -8.70 -21.11 50.93
N GLN A 291 -7.87 -22.12 51.18
CA GLN A 291 -8.05 -23.08 52.27
C GLN A 291 -9.46 -23.66 52.28
N ASP A 292 -9.88 -24.15 51.10
CA ASP A 292 -11.16 -24.84 50.90
C ASP A 292 -12.33 -23.96 51.29
N LYS A 293 -12.18 -22.64 51.18
CA LYS A 293 -13.23 -21.69 51.54
C LYS A 293 -13.26 -20.56 50.51
N ASP A 294 -14.16 -19.62 50.72
CA ASP A 294 -14.22 -18.42 49.91
C ASP A 294 -12.99 -17.56 50.16
N PHE A 295 -12.48 -16.95 49.09
CA PHE A 295 -11.30 -16.09 49.17
C PHE A 295 -11.46 -15.02 50.25
N HIS A 296 -12.57 -14.26 50.19
CA HIS A 296 -12.83 -13.22 51.19
C HIS A 296 -12.97 -13.82 52.58
N GLU A 297 -13.72 -14.92 52.68
CA GLU A 297 -13.95 -15.58 53.97
C GLU A 297 -12.64 -16.03 54.61
N ALA A 298 -11.76 -16.64 53.81
CA ALA A 298 -10.49 -17.13 54.34
C ALA A 298 -9.59 -15.99 54.78
N LEU A 299 -9.62 -14.83 54.10
CA LEU A 299 -8.75 -13.74 54.52
C LEU A 299 -9.40 -12.77 55.51
N GLY A 300 -10.72 -12.81 55.67
CA GLY A 300 -11.42 -11.74 56.37
C GLY A 300 -11.28 -10.41 55.64
N LEU A 301 -11.31 -10.45 54.32
CA LEU A 301 -11.03 -9.25 53.52
C LEU A 301 -12.22 -8.31 53.58
N LYS A 302 -11.99 -7.10 54.08
CA LYS A 302 -13.03 -6.08 54.11
C LYS A 302 -13.11 -5.40 52.74
N SER A 303 -14.21 -4.68 52.50
CA SER A 303 -14.35 -3.93 51.27
C SER A 303 -15.30 -2.76 51.47
N LYS A 304 -15.25 -1.80 50.54
CA LYS A 304 -16.17 -0.65 50.52
C LYS A 304 -17.62 -1.10 50.35
N SER B 19 10.86 -23.97 23.58
CA SER B 19 10.40 -25.11 22.79
C SER B 19 9.25 -24.69 21.90
N HIS B 20 9.54 -23.93 20.84
CA HIS B 20 8.48 -23.41 19.96
C HIS B 20 8.77 -23.80 18.52
N MET B 21 7.85 -24.59 17.94
CA MET B 21 7.83 -24.93 16.51
C MET B 21 6.65 -24.20 15.85
N PRO B 22 6.88 -23.30 14.90
CA PRO B 22 5.75 -22.54 14.33
C PRO B 22 4.83 -23.45 13.56
N PRO B 23 3.55 -23.08 13.40
CA PRO B 23 2.60 -23.90 12.66
C PRO B 23 2.62 -23.62 11.15
N ILE B 24 2.07 -24.58 10.39
CA ILE B 24 1.87 -24.44 8.95
C ILE B 24 0.61 -23.61 8.73
N ARG B 25 0.78 -22.37 8.26
CA ARG B 25 -0.32 -21.44 8.13
C ARG B 25 -1.09 -21.64 6.81
N ARG B 26 -2.38 -21.29 6.85
CA ARG B 26 -3.34 -21.61 5.80
C ARG B 26 -4.11 -20.38 5.38
N VAL B 27 -4.43 -20.30 4.08
CA VAL B 27 -5.35 -19.30 3.55
C VAL B 27 -6.30 -20.02 2.61
N ASN B 28 -7.47 -19.39 2.37
CA ASN B 28 -8.33 -19.84 1.30
C ASN B 28 -7.98 -19.08 0.03
N ALA B 29 -8.09 -19.77 -1.11
CA ALA B 29 -7.83 -19.13 -2.39
C ALA B 29 -8.72 -17.92 -2.63
N SER B 30 -9.93 -17.92 -2.04
CA SER B 30 -10.82 -16.76 -2.16
C SER B 30 -10.23 -15.48 -1.57
N GLN B 31 -9.18 -15.61 -0.75
CA GLN B 31 -8.52 -14.48 -0.11
C GLN B 31 -7.45 -13.81 -0.97
N GLY B 32 -7.14 -14.33 -2.16
CA GLY B 32 -6.21 -13.65 -3.03
C GLY B 32 -4.79 -14.20 -2.95
N SER B 33 -4.04 -14.06 -4.04
CA SER B 33 -2.66 -14.54 -4.06
C SER B 33 -1.72 -13.67 -3.24
N ASP B 34 -2.11 -12.43 -2.91
CA ASP B 34 -1.24 -11.59 -2.08
C ASP B 34 -1.20 -12.09 -0.64
N ALA B 35 -2.35 -12.50 -0.09
CA ALA B 35 -2.36 -13.13 1.24
C ALA B 35 -1.39 -14.31 1.31
N ALA B 36 -1.52 -15.26 0.37
CA ALA B 36 -0.68 -16.45 0.35
C ALA B 36 0.78 -16.09 0.15
N TYR B 37 1.07 -15.12 -0.74
CA TYR B 37 2.44 -14.67 -0.92
C TYR B 37 3.04 -14.10 0.37
N GLN B 38 2.28 -13.30 1.11
CA GLN B 38 2.76 -12.79 2.39
C GLN B 38 3.13 -13.91 3.35
N ILE B 39 2.22 -14.89 3.50
CA ILE B 39 2.55 -16.03 4.38
C ILE B 39 3.76 -16.81 3.84
N LEU B 40 3.97 -16.84 2.52
CA LEU B 40 5.10 -17.56 1.94
C LEU B 40 6.43 -16.82 2.13
N GLN B 41 6.41 -15.49 2.18
CA GLN B 41 7.63 -14.75 2.46
C GLN B 41 7.98 -14.82 3.94
N GLU B 42 6.98 -14.83 4.83
CA GLU B 42 7.25 -14.89 6.26
C GLU B 42 7.58 -16.28 6.75
N ASP B 43 6.96 -17.31 6.19
CA ASP B 43 7.16 -18.68 6.68
C ASP B 43 7.93 -19.58 5.73
N GLY B 44 8.05 -19.23 4.44
CA GLY B 44 8.61 -20.13 3.47
C GLY B 44 7.68 -21.22 2.99
N CYS B 45 6.48 -21.33 3.56
CA CYS B 45 5.47 -22.31 3.14
C CYS B 45 4.08 -21.79 3.50
N VAL B 46 3.08 -22.22 2.71
CA VAL B 46 1.67 -21.84 2.90
C VAL B 46 0.79 -22.92 2.29
N ILE B 47 -0.26 -23.30 3.02
CA ILE B 47 -1.32 -24.17 2.47
C ILE B 47 -2.44 -23.26 1.96
N VAL B 48 -2.83 -23.45 0.70
CA VAL B 48 -3.89 -22.66 0.07
C VAL B 48 -5.06 -23.58 -0.19
N GLU B 49 -6.21 -23.26 0.40
CA GLU B 49 -7.36 -24.13 0.34
C GLU B 49 -8.28 -23.77 -0.83
N GLN B 50 -8.94 -24.79 -1.37
CA GLN B 50 -9.86 -24.63 -2.48
C GLN B 50 -9.28 -23.74 -3.58
N VAL B 51 -8.13 -24.15 -4.08
CA VAL B 51 -7.44 -23.42 -5.14
C VAL B 51 -7.87 -23.88 -6.54
N ILE B 52 -8.37 -25.11 -6.69
CA ILE B 52 -8.72 -25.67 -7.99
C ILE B 52 -9.91 -26.62 -7.79
N CYS B 53 -10.80 -26.69 -8.78
CA CYS B 53 -11.97 -27.57 -8.68
C CYS B 53 -11.53 -29.01 -8.46
N PRO B 54 -12.10 -29.74 -7.50
CA PRO B 54 -11.65 -31.12 -7.24
C PRO B 54 -11.80 -32.06 -8.44
N ASN B 55 -12.69 -31.74 -9.37
CA ASN B 55 -12.92 -32.62 -10.52
C ASN B 55 -11.73 -32.61 -11.47
N ILE B 56 -11.15 -31.43 -11.72
CA ILE B 56 -9.92 -31.36 -12.51
C ILE B 56 -8.88 -32.31 -11.94
N ILE B 57 -8.68 -32.27 -10.62
CA ILE B 57 -7.69 -33.13 -9.99
C ILE B 57 -8.07 -34.60 -10.15
N ALA B 58 -9.38 -34.90 -10.11
CA ALA B 58 -9.82 -36.30 -10.24
C ALA B 58 -9.55 -36.86 -11.64
N LYS B 59 -9.80 -36.04 -12.67
CA LYS B 59 -9.45 -36.42 -14.03
C LYS B 59 -7.95 -36.67 -14.15
N ILE B 60 -7.13 -35.70 -13.71
CA ILE B 60 -5.68 -35.89 -13.76
C ILE B 60 -5.27 -37.17 -13.03
N SER B 61 -5.88 -37.44 -11.88
CA SER B 61 -5.54 -38.64 -11.13
C SER B 61 -5.89 -39.91 -11.92
N ASP B 62 -7.00 -39.89 -12.67
CA ASP B 62 -7.31 -41.01 -13.56
C ASP B 62 -6.21 -41.20 -14.60
N ASP B 63 -5.81 -40.12 -15.26
CA ASP B 63 -4.70 -40.15 -16.21
C ASP B 63 -3.45 -40.81 -15.61
N VAL B 64 -3.06 -40.37 -14.41
CA VAL B 64 -1.86 -40.90 -13.78
C VAL B 64 -2.04 -42.37 -13.39
N ASN B 65 -3.24 -42.72 -12.92
CA ASN B 65 -3.52 -44.10 -12.55
C ASN B 65 -3.34 -45.03 -13.73
N ARG B 66 -3.71 -44.58 -14.93
CA ARG B 66 -3.56 -45.44 -16.09
C ARG B 66 -2.11 -45.74 -16.49
N VAL B 67 -1.11 -44.99 -16.00
CA VAL B 67 0.25 -45.25 -16.49
C VAL B 67 1.29 -45.46 -15.38
N MET B 68 0.84 -45.75 -14.15
CA MET B 68 1.76 -45.83 -13.02
C MET B 68 2.58 -47.13 -13.01
N ASP B 69 2.06 -48.18 -13.64
CA ASP B 69 2.81 -49.43 -13.76
C ASP B 69 4.08 -49.26 -14.57
N LYS B 70 4.18 -48.19 -15.36
CA LYS B 70 5.40 -47.90 -16.11
C LYS B 70 6.44 -47.15 -15.30
N ALA B 71 6.08 -46.60 -14.13
CA ALA B 71 6.96 -45.69 -13.42
C ALA B 71 8.16 -46.40 -12.80
N THR B 72 9.21 -45.60 -12.53
CA THR B 72 10.45 -46.08 -11.91
C THR B 72 10.34 -45.97 -10.39
N ILE B 73 10.73 -47.04 -9.68
CA ILE B 73 10.71 -47.08 -8.22
C ILE B 73 12.10 -46.77 -7.71
N GLY B 74 12.18 -46.00 -6.61
CA GLY B 74 13.49 -45.77 -6.05
C GLY B 74 14.30 -44.77 -6.86
N ALA B 75 15.62 -44.88 -6.74
CA ALA B 75 16.53 -43.95 -7.40
C ALA B 75 16.50 -44.13 -8.91
N LYS B 76 16.78 -43.04 -9.63
CA LYS B 76 17.15 -43.11 -11.03
C LYS B 76 18.58 -43.62 -11.14
N LYS B 77 18.93 -44.12 -12.34
CA LYS B 77 20.23 -44.75 -12.56
C LYS B 77 21.38 -43.79 -12.21
N GLY B 78 22.17 -44.17 -11.21
CA GLY B 78 23.39 -43.45 -10.87
C GLY B 78 23.22 -42.20 -10.02
N GLU B 79 22.11 -42.06 -9.29
CA GLU B 79 21.86 -40.88 -8.47
C GLU B 79 22.01 -41.25 -7.00
N GLN B 80 22.92 -40.55 -6.31
CA GLN B 80 23.11 -40.73 -4.87
C GLN B 80 21.82 -40.43 -4.10
N THR B 81 21.54 -41.25 -3.08
CA THR B 81 20.22 -41.31 -2.46
C THR B 81 20.13 -40.71 -1.06
N HIS B 82 21.25 -40.47 -0.39
CA HIS B 82 21.27 -40.29 1.06
C HIS B 82 21.01 -38.86 1.52
N ILE B 83 20.81 -37.90 0.61
CA ILE B 83 20.61 -36.51 1.03
C ILE B 83 19.18 -36.29 1.52
N ILE B 84 18.20 -36.91 0.85
CA ILE B 84 16.80 -36.78 1.19
C ILE B 84 16.17 -38.12 1.56
N ASN B 85 16.99 -39.15 1.82
CA ASN B 85 16.53 -40.52 2.11
C ASN B 85 15.61 -41.04 0.98
N MET B 86 16.26 -41.27 -0.17
CA MET B 86 15.61 -41.80 -1.37
C MET B 86 15.56 -43.32 -1.24
N HIS B 87 14.36 -43.91 -1.28
CA HIS B 87 14.25 -45.33 -0.97
C HIS B 87 13.27 -46.01 -1.93
N ASN B 88 12.93 -47.25 -1.59
CA ASN B 88 12.29 -48.21 -2.49
C ASN B 88 10.79 -48.34 -2.26
N ARG B 89 10.24 -47.61 -1.28
CA ARG B 89 8.80 -47.52 -1.10
C ARG B 89 8.26 -46.19 -1.62
N THR B 90 8.95 -45.61 -2.60
CA THR B 90 8.64 -44.31 -3.18
C THR B 90 8.68 -44.42 -4.70
N ILE B 91 7.58 -44.09 -5.35
CA ILE B 91 7.53 -43.93 -6.80
C ILE B 91 7.43 -42.44 -7.13
N HIS B 92 8.42 -41.93 -7.85
CA HIS B 92 8.36 -40.62 -8.50
C HIS B 92 8.15 -40.85 -9.98
N MET B 93 7.23 -40.08 -10.58
CA MET B 93 6.95 -40.26 -12.00
C MET B 93 6.84 -38.91 -12.71
N GLY B 94 7.67 -38.69 -13.72
CA GLY B 94 7.56 -37.51 -14.55
C GLY B 94 6.68 -37.76 -15.76
N ASP B 95 6.96 -37.01 -16.84
CA ASP B 95 6.39 -37.26 -18.17
C ASP B 95 4.90 -36.91 -18.24
N LEU B 96 4.48 -35.84 -17.55
CA LEU B 96 3.05 -35.57 -17.35
C LEU B 96 2.41 -34.81 -18.51
N VAL B 97 3.21 -34.19 -19.38
CA VAL B 97 2.66 -33.50 -20.53
C VAL B 97 1.93 -34.47 -21.44
N LEU B 98 2.53 -35.64 -21.70
CA LEU B 98 1.94 -36.64 -22.58
C LEU B 98 0.92 -37.52 -21.86
N THR B 99 1.07 -37.67 -20.55
CA THR B 99 0.14 -38.52 -19.78
C THR B 99 -1.22 -37.87 -19.61
N SER B 100 -1.28 -36.55 -19.41
CA SER B 100 -2.52 -35.92 -19.02
C SER B 100 -2.74 -34.64 -19.84
N LYS B 101 -3.84 -34.63 -20.61
CA LYS B 101 -4.25 -33.41 -21.29
C LYS B 101 -4.81 -32.38 -20.31
N THR B 102 -5.53 -32.84 -19.27
CA THR B 102 -6.04 -31.90 -18.27
C THR B 102 -4.89 -31.19 -17.56
N TYR B 103 -3.78 -31.89 -17.34
CA TYR B 103 -2.58 -31.24 -16.84
C TYR B 103 -2.10 -30.16 -17.81
N ARG B 104 -1.93 -30.52 -19.09
CA ARG B 104 -1.50 -29.56 -20.12
C ARG B 104 -2.34 -28.31 -20.14
N ASP B 105 -3.66 -28.46 -20.01
CA ASP B 105 -4.59 -27.36 -20.22
C ASP B 105 -5.01 -26.67 -18.92
N GLU B 106 -5.41 -27.42 -17.90
CA GLU B 106 -5.99 -26.81 -16.72
C GLU B 106 -4.95 -26.44 -15.68
N LEU B 107 -4.05 -27.37 -15.35
CA LEU B 107 -3.10 -27.16 -14.26
C LEU B 107 -1.99 -26.19 -14.67
N LEU B 108 -1.41 -26.38 -15.85
CA LEU B 108 -0.30 -25.52 -16.23
C LEU B 108 -0.73 -24.07 -16.47
N ASN B 109 -2.04 -23.79 -16.46
CA ASN B 109 -2.53 -22.44 -16.70
C ASN B 109 -3.21 -21.83 -15.48
N LEU B 110 -3.19 -22.50 -14.31
CA LEU B 110 -3.97 -22.09 -13.13
C LEU B 110 -3.52 -20.70 -12.66
N PRO B 111 -4.38 -19.67 -12.74
CA PRO B 111 -3.89 -18.30 -12.58
C PRO B 111 -3.44 -17.92 -11.17
N PHE B 112 -4.06 -18.46 -10.11
CA PHE B 112 -3.55 -18.24 -8.76
C PHE B 112 -2.07 -18.61 -8.66
N ALA B 113 -1.71 -19.76 -9.24
CA ALA B 113 -0.32 -20.24 -9.26
C ALA B 113 0.61 -19.27 -9.97
N HIS B 114 0.20 -18.73 -11.13
CA HIS B 114 1.08 -17.84 -11.85
C HIS B 114 1.21 -16.48 -11.21
N GLU B 115 0.18 -16.03 -10.49
CA GLU B 115 0.33 -14.78 -9.74
C GLU B 115 1.35 -14.96 -8.61
N VAL B 116 1.28 -16.09 -7.89
CA VAL B 116 2.31 -16.40 -6.88
C VAL B 116 3.72 -16.47 -7.51
N LEU B 117 3.85 -17.26 -8.59
CA LEU B 117 5.16 -17.46 -9.22
C LEU B 117 5.74 -16.16 -9.78
N GLU B 118 4.88 -15.29 -10.30
CA GLU B 118 5.37 -14.01 -10.78
C GLU B 118 5.81 -13.12 -9.62
N LYS B 119 5.10 -13.17 -8.48
CA LYS B 119 5.55 -12.39 -7.32
C LYS B 119 6.90 -12.86 -6.85
N VAL B 120 7.15 -14.16 -6.93
CA VAL B 120 8.41 -14.73 -6.47
C VAL B 120 9.56 -14.40 -7.42
N PHE B 121 9.36 -14.60 -8.72
CA PHE B 121 10.52 -14.65 -9.61
C PHE B 121 10.83 -13.35 -10.37
N LYS B 122 9.84 -12.48 -10.65
CA LYS B 122 9.96 -11.54 -11.77
C LYS B 122 10.97 -10.43 -11.53
N LYS B 123 11.04 -9.91 -10.31
CA LYS B 123 11.99 -8.83 -10.01
C LYS B 123 13.42 -9.35 -9.92
N ASP B 124 13.61 -10.46 -9.21
CA ASP B 124 14.94 -10.96 -8.91
C ASP B 124 15.53 -11.78 -10.05
N SER B 125 14.70 -12.29 -10.96
CA SER B 125 15.14 -13.35 -11.86
C SER B 125 14.64 -13.18 -13.29
N GLY B 126 13.38 -12.83 -13.48
CA GLY B 126 12.85 -12.72 -14.82
C GLY B 126 11.85 -13.81 -15.04
N ASP B 127 11.69 -14.26 -16.28
CA ASP B 127 10.75 -15.35 -16.53
C ASP B 127 11.14 -16.60 -15.74
N TYR B 128 10.17 -17.48 -15.59
CA TYR B 128 10.29 -18.74 -14.88
C TYR B 128 9.73 -19.83 -15.78
N TRP B 129 10.13 -21.06 -15.52
CA TRP B 129 9.52 -22.20 -16.19
C TRP B 129 9.63 -23.39 -15.25
N LEU B 130 9.14 -24.54 -15.68
CA LEU B 130 9.12 -25.72 -14.82
C LEU B 130 10.51 -26.33 -14.67
N ASN B 131 10.87 -26.66 -13.43
CA ASN B 131 11.93 -27.65 -13.23
C ASN B 131 11.42 -29.02 -13.67
N MET B 132 10.21 -29.35 -13.24
CA MET B 132 9.50 -30.50 -13.80
C MET B 132 8.14 -30.56 -13.14
N GLY B 133 7.30 -31.43 -13.69
CA GLY B 133 6.07 -31.86 -13.05
C GLY B 133 6.22 -33.31 -12.65
N ASN B 134 5.85 -33.62 -11.39
CA ASN B 134 6.24 -34.88 -10.81
C ASN B 134 5.14 -35.46 -9.94
N ILE B 135 4.80 -36.71 -10.17
CA ILE B 135 3.91 -37.47 -9.29
C ILE B 135 4.73 -38.02 -8.13
N LEU B 136 4.23 -37.81 -6.91
CA LEU B 136 4.87 -38.21 -5.65
C LEU B 136 4.00 -39.27 -4.99
N ASN B 137 4.30 -40.53 -5.28
CA ASN B 137 3.58 -41.69 -4.75
C ASN B 137 4.41 -42.32 -3.63
N MET B 138 4.03 -42.08 -2.38
CA MET B 138 4.57 -42.82 -1.24
C MET B 138 3.64 -44.00 -0.98
N LEU B 139 4.21 -45.21 -0.97
CA LEU B 139 3.43 -46.41 -0.82
C LEU B 139 3.20 -46.72 0.66
N PRO B 140 2.25 -47.62 0.98
CA PRO B 140 2.09 -48.03 2.39
C PRO B 140 3.36 -48.70 2.88
N GLY B 141 3.90 -48.19 4.00
CA GLY B 141 5.19 -48.64 4.49
C GLY B 141 6.37 -47.74 4.17
N ALA B 142 6.15 -46.62 3.49
CA ALA B 142 7.23 -45.72 3.13
C ALA B 142 7.70 -44.96 4.35
N GLU B 143 9.01 -44.78 4.45
CA GLU B 143 9.64 -44.10 5.57
C GLU B 143 9.78 -42.60 5.27
N ALA B 144 9.87 -41.82 6.34
CA ALA B 144 10.06 -40.39 6.20
C ALA B 144 11.38 -40.10 5.49
N GLN B 145 11.35 -39.14 4.57
CA GLN B 145 12.60 -38.58 4.07
C GLN B 145 13.29 -37.80 5.17
N ARG B 146 14.59 -37.56 4.97
CA ARG B 146 15.35 -36.64 5.81
C ARG B 146 15.01 -35.20 5.39
N PRO B 147 14.69 -34.31 6.33
CA PRO B 147 14.38 -32.93 5.96
C PRO B 147 15.54 -32.24 5.25
N HIS B 148 15.20 -31.48 4.21
CA HIS B 148 16.15 -30.94 3.27
C HIS B 148 15.58 -29.68 2.65
N ARG B 149 16.42 -28.99 1.90
CA ARG B 149 16.03 -27.88 1.04
C ARG B 149 16.12 -28.37 -0.40
N ASP B 150 15.08 -28.11 -1.20
CA ASP B 150 15.07 -28.57 -2.59
C ASP B 150 16.16 -27.91 -3.44
N ASP B 151 16.56 -26.67 -3.10
CA ASP B 151 17.51 -25.98 -3.95
C ASP B 151 18.93 -26.51 -3.79
N TYR B 152 19.13 -27.51 -2.93
CA TYR B 152 20.39 -28.25 -2.95
C TYR B 152 20.65 -28.87 -4.32
N LEU B 153 19.63 -29.01 -5.16
CA LEU B 153 19.85 -29.59 -6.49
C LEU B 153 20.81 -28.75 -7.34
N TYR B 154 20.85 -27.42 -7.14
CA TYR B 154 21.63 -26.49 -7.94
C TYR B 154 22.85 -26.04 -7.15
N PRO B 155 24.09 -26.34 -7.60
CA PRO B 155 25.26 -26.08 -6.73
C PRO B 155 25.44 -24.63 -6.31
N VAL B 156 24.97 -23.66 -7.11
CA VAL B 156 25.14 -22.25 -6.80
C VAL B 156 24.43 -21.87 -5.51
N SER B 157 23.40 -22.65 -5.14
CA SER B 157 22.68 -22.41 -3.89
C SER B 157 23.60 -22.45 -2.69
N GLN B 158 24.66 -23.28 -2.72
CA GLN B 158 25.58 -23.38 -1.58
C GLN B 158 26.53 -22.20 -1.47
N HIS B 159 26.58 -21.31 -2.44
CA HIS B 159 27.50 -20.18 -2.42
C HIS B 159 26.79 -18.85 -2.25
N MET B 160 25.50 -18.87 -1.93
CA MET B 160 24.71 -17.68 -1.71
C MET B 160 24.21 -17.66 -0.27
N ASP B 161 24.01 -16.47 0.25
CA ASP B 161 23.43 -16.28 1.58
C ASP B 161 21.93 -16.52 1.54
N PRO B 162 21.38 -17.48 2.30
CA PRO B 162 19.93 -17.76 2.22
C PRO B 162 19.05 -16.60 2.65
N ALA B 163 19.53 -15.71 3.51
CA ALA B 163 18.68 -14.63 3.98
C ALA B 163 18.44 -13.57 2.91
N THR B 164 19.35 -13.41 1.95
CA THR B 164 19.32 -12.28 1.02
C THR B 164 19.51 -12.68 -0.44
N SER B 165 19.35 -13.96 -0.79
CA SER B 165 19.58 -14.42 -2.16
C SER B 165 18.26 -14.71 -2.86
N PRO B 166 18.25 -14.78 -4.20
CA PRO B 166 17.00 -15.08 -4.91
C PRO B 166 16.49 -16.47 -4.57
N ASP B 167 15.18 -16.65 -4.66
CA ASP B 167 14.65 -18.00 -4.62
C ASP B 167 14.95 -18.67 -5.95
N LEU B 168 15.41 -19.94 -5.88
CA LEU B 168 15.68 -20.75 -7.05
C LEU B 168 14.58 -21.75 -7.36
N MET B 169 13.61 -21.95 -6.46
CA MET B 169 12.56 -22.93 -6.74
C MET B 169 11.33 -22.64 -5.90
N ILE B 170 10.16 -22.75 -6.54
CA ILE B 170 8.86 -22.82 -5.87
C ILE B 170 8.26 -24.19 -6.19
N ASN B 171 7.80 -24.87 -5.15
CA ASN B 171 7.16 -26.17 -5.24
C ASN B 171 5.68 -25.98 -4.89
N ILE B 172 4.78 -26.33 -5.81
CA ILE B 172 3.35 -26.38 -5.56
C ILE B 172 2.90 -27.83 -5.65
N THR B 173 2.31 -28.36 -4.58
CA THR B 173 1.89 -29.77 -4.49
C THR B 173 0.37 -29.85 -4.34
N PHE B 174 -0.26 -30.59 -5.24
CA PHE B 174 -1.69 -30.85 -5.20
C PHE B 174 -1.89 -32.27 -4.71
N PRO B 175 -2.50 -32.49 -3.54
CA PRO B 175 -2.92 -33.86 -3.21
C PRO B 175 -3.85 -34.40 -4.29
N LEU B 176 -3.69 -35.67 -4.60
CA LEU B 176 -4.68 -36.38 -5.42
C LEU B 176 -5.56 -37.30 -4.58
N ASN B 177 -5.12 -37.60 -3.36
CA ASN B 177 -5.96 -38.12 -2.29
C ASN B 177 -5.58 -37.37 -1.01
N GLU B 178 -6.48 -37.38 -0.03
CA GLU B 178 -6.29 -36.60 1.19
C GLU B 178 -4.89 -36.80 1.80
N PHE B 179 -4.29 -35.71 2.23
CA PHE B 179 -3.02 -35.74 2.95
C PHE B 179 -3.29 -35.59 4.44
N ARG B 180 -2.76 -36.51 5.24
CA ARG B 180 -2.79 -36.43 6.69
C ARG B 180 -1.41 -36.75 7.19
N HIS B 181 -1.19 -36.56 8.50
CA HIS B 181 0.08 -36.96 9.09
C HIS B 181 0.28 -38.46 8.93
N ASP B 182 -0.79 -39.24 9.06
CA ASP B 182 -0.63 -40.69 9.19
C ASP B 182 -0.24 -41.37 7.88
N ASN B 183 -0.69 -40.85 6.74
CA ASN B 183 -0.32 -41.44 5.46
C ASN B 183 0.87 -40.72 4.82
N GLY B 184 1.63 -39.96 5.60
CA GLY B 184 2.84 -39.34 5.11
C GLY B 184 2.69 -38.02 4.36
N GLY B 185 1.70 -37.20 4.72
CA GLY B 185 1.63 -35.86 4.15
C GLY B 185 2.90 -35.08 4.45
N THR B 186 3.35 -34.29 3.47
CA THR B 186 4.62 -33.58 3.51
C THR B 186 4.86 -32.88 4.85
N LEU B 187 6.03 -33.15 5.43
CA LEU B 187 6.48 -32.51 6.66
C LEU B 187 7.23 -31.22 6.34
N LEU B 188 7.03 -30.20 7.17
CA LEU B 188 7.53 -28.86 6.88
C LEU B 188 8.02 -28.23 8.17
N LEU B 189 8.97 -27.31 8.03
CA LEU B 189 9.51 -26.57 9.16
C LEU B 189 9.26 -25.10 8.82
N PRO B 190 8.15 -24.51 9.29
CA PRO B 190 7.86 -23.12 8.95
C PRO B 190 8.92 -22.17 9.50
N LYS B 191 9.17 -21.09 8.75
CA LYS B 191 10.14 -20.05 9.08
C LYS B 191 11.59 -20.52 9.05
N SER B 192 11.87 -21.64 8.37
CA SER B 192 13.22 -22.19 8.25
C SER B 192 13.90 -21.83 6.94
N HIS B 193 13.47 -20.78 6.27
CA HIS B 193 13.90 -20.47 4.91
C HIS B 193 14.86 -19.29 4.84
N THR B 194 15.29 -18.74 5.98
CA THR B 194 16.32 -17.71 5.96
C THR B 194 17.56 -18.10 6.75
N GLY B 195 17.67 -19.34 7.20
CA GLY B 195 18.83 -19.75 7.93
C GLY B 195 19.92 -20.25 7.02
N PRO B 196 21.14 -20.36 7.57
CA PRO B 196 22.27 -20.88 6.79
C PRO B 196 22.01 -22.29 6.30
N ASN B 197 22.60 -22.63 5.15
CA ASN B 197 22.56 -24.00 4.70
C ASN B 197 23.27 -24.88 5.73
N ALA B 198 22.79 -26.10 5.92
CA ALA B 198 23.33 -27.01 6.92
C ALA B 198 23.20 -28.44 6.42
N ASP B 199 24.04 -29.31 6.96
CA ASP B 199 23.98 -30.72 6.58
C ASP B 199 22.95 -31.51 7.35
N PHE B 200 22.23 -30.86 8.30
CA PHE B 200 21.21 -31.46 9.13
C PHE B 200 20.32 -30.32 9.60
N TYR B 201 18.99 -30.49 9.50
CA TYR B 201 18.09 -29.43 9.98
C TYR B 201 17.22 -29.89 11.14
N ALA B 202 16.55 -31.04 11.00
CA ALA B 202 15.75 -31.60 12.07
C ALA B 202 15.56 -33.06 11.75
N ASN B 203 15.12 -33.84 12.74
CA ASN B 203 14.60 -35.17 12.45
C ASN B 203 13.17 -35.03 11.95
N ALA B 204 12.75 -35.95 11.08
CA ALA B 204 11.40 -35.86 10.51
C ALA B 204 10.31 -36.01 11.57
N GLU B 205 10.60 -36.72 12.67
CA GLU B 205 9.62 -37.00 13.71
C GLU B 205 9.16 -35.74 14.43
N ASP B 206 9.94 -34.67 14.38
CA ASP B 206 9.62 -33.43 15.09
C ASP B 206 8.90 -32.41 14.21
N LEU B 207 8.51 -32.80 12.95
CA LEU B 207 7.97 -31.80 12.05
C LEU B 207 6.46 -31.91 11.94
N PRO B 208 5.75 -30.79 11.80
CA PRO B 208 4.32 -30.87 11.45
C PRO B 208 4.10 -31.35 10.03
N ALA B 209 2.96 -32.02 9.82
CA ALA B 209 2.55 -32.49 8.51
C ALA B 209 1.57 -31.52 7.87
N ALA B 210 1.69 -31.33 6.55
CA ALA B 210 0.71 -30.55 5.80
C ALA B 210 -0.49 -31.45 5.50
N GLU B 211 -1.62 -31.12 6.12
CA GLU B 211 -2.85 -31.89 6.01
C GLU B 211 -3.87 -31.08 5.23
N MET B 212 -4.46 -31.70 4.21
CA MET B 212 -5.23 -30.94 3.24
C MET B 212 -5.96 -31.93 2.35
N GLN B 213 -6.98 -31.41 1.67
CA GLN B 213 -7.88 -32.20 0.84
C GLN B 213 -7.55 -32.03 -0.63
N VAL B 214 -8.12 -32.93 -1.45
CA VAL B 214 -8.11 -32.79 -2.91
C VAL B 214 -8.85 -31.52 -3.32
N GLY B 215 -8.13 -30.59 -3.94
CA GLY B 215 -8.61 -29.24 -4.20
C GLY B 215 -7.72 -28.17 -3.61
N ASP B 216 -7.01 -28.49 -2.52
CA ASP B 216 -6.03 -27.62 -1.88
C ASP B 216 -4.63 -27.81 -2.51
N ALA B 217 -3.71 -26.92 -2.16
CA ALA B 217 -2.36 -27.00 -2.71
C ALA B 217 -1.39 -26.44 -1.68
N LEU B 218 -0.27 -27.14 -1.47
CA LEU B 218 0.82 -26.70 -0.60
C LEU B 218 1.89 -26.01 -1.43
N ILE B 219 2.27 -24.79 -1.06
CA ILE B 219 3.32 -24.03 -1.74
C ILE B 219 4.48 -23.82 -0.77
N PHE B 220 5.70 -24.19 -1.20
CA PHE B 220 6.88 -23.89 -0.38
C PHE B 220 8.08 -23.60 -1.29
N THR B 221 9.07 -22.90 -0.74
CA THR B 221 10.21 -22.45 -1.52
C THR B 221 11.37 -23.44 -1.45
N GLY B 222 12.35 -23.26 -2.34
CA GLY B 222 13.51 -24.13 -2.35
C GLY B 222 14.40 -24.03 -1.14
N LYS B 223 14.17 -23.04 -0.27
CA LYS B 223 14.85 -22.89 1.00
C LYS B 223 14.04 -23.35 2.20
N CYS B 224 12.83 -23.88 1.99
CA CYS B 224 12.01 -24.36 3.09
C CYS B 224 12.37 -25.80 3.40
N VAL B 225 12.82 -26.04 4.63
CA VAL B 225 13.10 -27.39 5.11
C VAL B 225 11.80 -28.19 5.19
N HIS B 226 11.77 -29.33 4.52
CA HIS B 226 10.57 -30.13 4.38
C HIS B 226 11.04 -31.55 4.11
N GLY B 227 10.09 -32.45 3.91
CA GLY B 227 10.44 -33.77 3.44
C GLY B 227 9.20 -34.64 3.46
N GLY B 228 9.23 -35.68 2.63
CA GLY B 228 8.15 -36.64 2.64
C GLY B 228 8.06 -37.34 3.99
N GLY B 229 6.82 -37.49 4.49
CA GLY B 229 6.58 -38.15 5.77
C GLY B 229 6.40 -39.66 5.62
N ALA B 230 6.16 -40.30 6.76
CA ALA B 230 6.04 -41.76 6.81
C ALA B 230 4.59 -42.18 6.61
N ASN B 231 4.35 -42.99 5.57
CA ASN B 231 3.01 -43.47 5.24
C ASN B 231 2.71 -44.74 6.03
N ARG B 232 2.09 -44.58 7.20
CA ARG B 232 1.75 -45.70 8.04
C ARG B 232 0.37 -46.26 7.77
N SER B 233 -0.36 -45.73 6.79
CA SER B 233 -1.69 -46.21 6.48
C SER B 233 -1.61 -47.42 5.54
N ASP B 234 -2.77 -47.92 5.11
CA ASP B 234 -2.85 -49.08 4.23
C ASP B 234 -3.22 -48.66 2.82
N LYS B 235 -2.73 -47.50 2.39
CA LYS B 235 -3.09 -46.99 1.10
C LYS B 235 -1.97 -46.08 0.61
N PRO B 236 -1.66 -46.08 -0.67
CA PRO B 236 -0.75 -45.08 -1.21
C PRO B 236 -1.19 -43.65 -0.89
N ARG B 237 -0.22 -42.73 -0.88
CA ARG B 237 -0.41 -41.30 -0.73
C ARG B 237 0.21 -40.63 -1.95
N ILE B 238 -0.60 -39.93 -2.74
CA ILE B 238 -0.14 -39.44 -4.04
C ILE B 238 -0.37 -37.94 -4.14
N GLY B 239 0.65 -37.22 -4.61
CA GLY B 239 0.53 -35.81 -4.89
C GLY B 239 1.09 -35.49 -6.26
N LEU B 240 0.80 -34.28 -6.73
CA LEU B 240 1.36 -33.76 -7.96
C LEU B 240 2.14 -32.48 -7.66
N ALA B 241 3.46 -32.56 -7.80
CA ALA B 241 4.35 -31.44 -7.54
C ALA B 241 4.65 -30.75 -8.87
N LEU B 242 4.17 -29.53 -9.01
CA LEU B 242 4.61 -28.58 -10.03
C LEU B 242 5.77 -27.75 -9.46
N ALA B 243 6.99 -28.02 -9.93
CA ALA B 243 8.17 -27.30 -9.47
C ALA B 243 8.67 -26.36 -10.56
N ALA B 244 8.69 -25.05 -10.22
CA ALA B 244 9.10 -23.95 -11.08
C ALA B 244 10.37 -23.28 -10.55
N GLN B 245 11.13 -22.72 -11.49
CA GLN B 245 12.43 -22.15 -11.22
C GLN B 245 12.67 -21.02 -12.22
N PRO B 246 13.64 -20.13 -11.95
CA PRO B 246 14.02 -19.13 -12.96
C PRO B 246 14.37 -19.75 -14.31
N GLY B 247 14.06 -19.03 -15.38
CA GLY B 247 14.36 -19.49 -16.73
C GLY B 247 15.84 -19.72 -17.00
N TYR B 248 16.73 -19.10 -16.22
CA TYR B 248 18.15 -19.32 -16.47
C TYR B 248 18.71 -20.62 -15.87
N LEU B 249 17.91 -21.42 -15.16
CA LEU B 249 18.32 -22.75 -14.71
C LEU B 249 17.73 -23.83 -15.60
N THR B 250 18.54 -24.85 -15.86
CA THR B 250 18.17 -25.94 -16.75
C THR B 250 17.13 -26.84 -16.10
N PRO B 251 15.97 -27.06 -16.71
CA PRO B 251 14.98 -27.99 -16.13
C PRO B 251 15.56 -29.39 -15.97
N ARG B 252 15.07 -30.10 -14.94
CA ARG B 252 15.42 -31.50 -14.78
C ARG B 252 14.77 -32.39 -15.85
N GLU B 253 13.60 -32.01 -16.36
CA GLU B 253 12.91 -32.81 -17.36
C GLU B 253 12.78 -31.99 -18.63
N SER B 254 13.39 -32.47 -19.70
CA SER B 254 13.27 -31.91 -21.03
C SER B 254 11.95 -32.38 -21.68
N ASN B 255 11.49 -31.59 -22.64
CA ASN B 255 10.23 -31.87 -23.32
C ASN B 255 10.38 -31.80 -24.83
N VAL B 256 11.59 -31.97 -25.35
CA VAL B 256 11.79 -32.04 -26.80
C VAL B 256 11.10 -33.24 -27.39
N ASN B 257 10.78 -34.24 -26.56
CA ASN B 257 10.15 -35.48 -27.03
CA ASN B 257 10.15 -35.48 -27.03
C ASN B 257 8.65 -35.34 -27.25
N VAL B 258 8.07 -34.18 -26.97
CA VAL B 258 6.63 -33.98 -27.07
C VAL B 258 6.31 -33.58 -28.51
N PRO B 259 5.45 -34.32 -29.21
CA PRO B 259 5.06 -33.94 -30.57
C PRO B 259 4.70 -32.46 -30.67
N ARG B 260 5.20 -31.83 -31.73
CA ARG B 260 4.88 -30.42 -31.95
C ARG B 260 3.36 -30.19 -32.02
N ASP B 261 2.62 -31.14 -32.59
CA ASP B 261 1.18 -30.95 -32.76
C ASP B 261 0.43 -30.95 -31.43
N ILE B 262 0.95 -31.65 -30.42
CA ILE B 262 0.36 -31.55 -29.09
C ILE B 262 0.73 -30.22 -28.43
N VAL B 263 1.98 -29.77 -28.64
CA VAL B 263 2.44 -28.52 -28.04
C VAL B 263 1.67 -27.33 -28.59
N GLU B 264 1.28 -27.38 -29.87
CA GLU B 264 0.58 -26.24 -30.48
C GLU B 264 -0.88 -26.16 -30.06
N THR B 265 -1.38 -27.12 -29.28
CA THR B 265 -2.72 -26.99 -28.70
C THR B 265 -2.71 -26.31 -27.33
N MET B 266 -1.53 -25.97 -26.81
CA MET B 266 -1.35 -25.33 -25.52
C MET B 266 -1.18 -23.82 -25.70
N THR B 267 -1.35 -23.09 -24.59
CA THR B 267 -1.25 -21.64 -24.60
C THR B 267 0.21 -21.22 -24.63
N PRO B 268 0.50 -19.95 -24.98
CA PRO B 268 1.90 -19.48 -24.96
C PRO B 268 2.60 -19.67 -23.61
N LEU B 269 1.91 -19.33 -22.53
CA LEU B 269 2.48 -19.43 -21.18
C LEU B 269 2.82 -20.88 -20.82
N ALA B 270 1.89 -21.82 -21.08
CA ALA B 270 2.14 -23.22 -20.76
C ALA B 270 3.23 -23.83 -21.66
N GLN B 271 3.31 -23.35 -22.90
CA GLN B 271 4.43 -23.71 -23.78
C GLN B 271 5.76 -23.28 -23.18
N ARG B 272 5.85 -22.04 -22.70
CA ARG B 272 7.09 -21.62 -22.03
C ARG B 272 7.37 -22.49 -20.81
N MET B 273 6.34 -22.83 -20.04
CA MET B 273 6.54 -23.68 -18.86
C MET B 273 7.22 -25.00 -19.21
N ILE B 274 6.82 -25.63 -20.32
CA ILE B 274 7.44 -26.92 -20.67
C ILE B 274 8.69 -26.78 -21.54
N GLY B 275 9.23 -25.56 -21.65
CA GLY B 275 10.48 -25.37 -22.35
C GLY B 275 10.36 -25.05 -23.82
N TRP B 276 9.13 -24.86 -24.32
CA TRP B 276 8.92 -24.46 -25.70
C TRP B 276 8.64 -22.96 -25.79
N GLY B 277 9.62 -22.19 -25.35
CA GLY B 277 9.61 -20.76 -25.53
C GLY B 277 10.89 -20.16 -25.02
N THR B 278 11.13 -18.90 -25.42
CA THR B 278 12.26 -18.12 -24.94
C THR B 278 11.93 -17.55 -23.56
N VAL B 279 12.94 -17.51 -22.69
CA VAL B 279 12.82 -17.01 -21.33
C VAL B 279 13.82 -15.88 -21.15
N ARG B 280 13.34 -14.71 -20.72
CA ARG B 280 14.21 -13.55 -20.52
C ARG B 280 14.55 -13.38 -19.05
N THR B 281 15.76 -12.90 -18.77
CA THR B 281 16.13 -12.61 -17.39
C THR B 281 15.59 -11.23 -16.98
N LYS B 282 15.80 -10.88 -15.71
CA LYS B 282 15.39 -9.58 -15.22
C LYS B 282 16.13 -8.44 -15.89
N ASP B 283 17.28 -8.73 -16.52
CA ASP B 283 18.04 -7.79 -17.33
C ASP B 283 17.67 -7.80 -18.81
N THR B 284 16.59 -8.48 -19.20
CA THR B 284 15.98 -8.56 -20.55
C THR B 284 16.74 -9.43 -21.53
N TYR B 285 17.76 -10.17 -21.09
CA TYR B 285 18.52 -11.00 -22.02
C TYR B 285 17.79 -12.33 -22.22
N GLY B 286 17.69 -12.74 -23.48
CA GLY B 286 16.96 -13.95 -23.82
C GLY B 286 17.83 -15.19 -23.73
N LEU B 287 17.22 -16.26 -23.22
CA LEU B 287 17.84 -17.57 -23.21
C LEU B 287 16.85 -18.52 -23.87
N ASN B 288 17.37 -19.67 -24.30
CA ASN B 288 16.57 -20.62 -25.04
C ASN B 288 16.01 -19.98 -26.32
N MET B 289 16.90 -19.37 -27.09
CA MET B 289 16.60 -18.71 -28.37
C MET B 289 16.88 -19.65 -29.53
N LEU B 290 16.33 -19.31 -30.69
CA LEU B 290 16.59 -20.05 -31.92
C LEU B 290 16.96 -19.07 -33.01
N GLN B 291 18.11 -19.31 -33.66
CA GLN B 291 18.57 -18.50 -34.79
C GLN B 291 18.63 -17.02 -34.42
N ASP B 292 19.12 -16.73 -33.20
CA ASP B 292 19.22 -15.38 -32.67
C ASP B 292 17.86 -14.69 -32.64
N LYS B 293 16.80 -15.48 -32.46
CA LYS B 293 15.43 -14.99 -32.43
C LYS B 293 14.67 -15.63 -31.28
N ASP B 294 13.47 -15.12 -31.07
CA ASP B 294 12.47 -15.78 -30.26
C ASP B 294 12.28 -17.22 -30.72
N PHE B 295 12.16 -18.13 -29.76
CA PHE B 295 11.81 -19.52 -30.04
C PHE B 295 10.58 -19.63 -30.95
N HIS B 296 9.46 -19.01 -30.52
CA HIS B 296 8.20 -19.06 -31.25
C HIS B 296 8.34 -18.49 -32.65
N GLU B 297 8.96 -17.31 -32.77
CA GLU B 297 9.19 -16.69 -34.06
C GLU B 297 9.97 -17.61 -34.98
N ALA B 298 11.02 -18.24 -34.47
CA ALA B 298 11.90 -18.99 -35.36
C ALA B 298 11.26 -20.28 -35.83
N LEU B 299 10.37 -20.88 -35.03
CA LEU B 299 9.74 -22.11 -35.47
C LEU B 299 8.39 -21.88 -36.17
N GLY B 300 7.81 -20.69 -36.08
CA GLY B 300 6.42 -20.51 -36.45
C GLY B 300 5.52 -21.40 -35.61
N LEU B 301 5.67 -21.31 -34.29
CA LEU B 301 4.96 -22.21 -33.39
C LEU B 301 3.58 -21.63 -33.08
N LYS B 302 2.53 -22.35 -33.50
CA LYS B 302 1.17 -21.96 -33.17
C LYS B 302 0.89 -22.25 -31.69
N SER B 303 -0.28 -21.81 -31.22
CA SER B 303 -0.67 -22.01 -29.82
C SER B 303 -2.13 -21.62 -29.63
N LYS B 304 -2.68 -22.06 -28.50
CA LYS B 304 -4.05 -21.75 -28.07
C LYS B 304 -4.04 -20.72 -26.96
N HIS C 20 -1.10 33.04 -5.60
CA HIS C 20 -1.39 31.72 -5.06
C HIS C 20 -2.63 31.08 -5.71
N MET C 21 -2.45 30.61 -6.95
CA MET C 21 -3.47 29.88 -7.70
C MET C 21 -2.87 28.56 -8.18
N PRO C 22 -3.38 27.41 -7.74
CA PRO C 22 -2.73 26.15 -8.07
C PRO C 22 -2.94 25.80 -9.54
N PRO C 23 -1.97 25.16 -10.18
CA PRO C 23 -2.11 24.80 -11.60
C PRO C 23 -2.89 23.50 -11.78
N ILE C 24 -3.33 23.29 -13.01
CA ILE C 24 -4.03 22.06 -13.36
C ILE C 24 -2.98 21.00 -13.65
N ARG C 25 -3.02 19.90 -12.89
CA ARG C 25 -2.00 18.88 -12.95
C ARG C 25 -2.41 17.76 -13.89
N ARG C 26 -1.43 17.21 -14.61
CA ARG C 26 -1.63 16.30 -15.72
C ARG C 26 -0.91 14.98 -15.43
N VAL C 27 -1.43 13.88 -16.01
CA VAL C 27 -0.74 12.60 -16.10
C VAL C 27 -1.05 12.00 -17.45
N ASN C 28 -0.15 11.16 -17.94
CA ASN C 28 -0.45 10.39 -19.13
C ASN C 28 -1.31 9.20 -18.74
N ALA C 29 -2.22 8.79 -19.61
CA ALA C 29 -3.02 7.61 -19.32
C ALA C 29 -2.13 6.41 -19.04
N SER C 30 -0.95 6.34 -19.66
CA SER C 30 -0.06 5.21 -19.41
C SER C 30 0.48 5.16 -17.99
N GLN C 31 0.26 6.20 -17.17
CA GLN C 31 0.69 6.18 -15.78
C GLN C 31 -0.29 5.45 -14.88
N GLY C 32 -1.45 5.04 -15.40
CA GLY C 32 -2.42 4.30 -14.64
C GLY C 32 -3.53 5.18 -14.07
N SER C 33 -4.64 4.53 -13.69
CA SER C 33 -5.81 5.19 -13.12
C SER C 33 -5.67 5.51 -11.63
N ASP C 34 -4.74 4.86 -10.92
CA ASP C 34 -4.45 5.26 -9.55
C ASP C 34 -3.84 6.66 -9.52
N ALA C 35 -2.92 6.97 -10.44
CA ALA C 35 -2.26 8.28 -10.46
C ALA C 35 -3.25 9.41 -10.71
N ALA C 36 -4.03 9.28 -11.79
CA ALA C 36 -5.12 10.21 -12.08
C ALA C 36 -6.04 10.38 -10.88
N TYR C 37 -6.43 9.26 -10.25
CA TYR C 37 -7.37 9.34 -9.15
C TYR C 37 -6.77 10.05 -7.94
N GLN C 38 -5.49 9.85 -7.64
CA GLN C 38 -4.86 10.55 -6.52
C GLN C 38 -4.85 12.06 -6.75
N ILE C 39 -4.47 12.48 -7.96
CA ILE C 39 -4.54 13.91 -8.27
C ILE C 39 -5.97 14.43 -8.17
N LEU C 40 -6.96 13.65 -8.62
CA LEU C 40 -8.35 14.11 -8.61
C LEU C 40 -8.90 14.21 -7.19
N GLN C 41 -8.42 13.37 -6.27
CA GLN C 41 -8.81 13.50 -4.87
C GLN C 41 -8.14 14.71 -4.22
N GLU C 42 -6.92 15.03 -4.62
CA GLU C 42 -6.19 16.16 -4.03
C GLU C 42 -6.61 17.51 -4.61
N ASP C 43 -6.96 17.56 -5.90
CA ASP C 43 -7.22 18.80 -6.62
C ASP C 43 -8.65 18.97 -7.10
N GLY C 44 -9.45 17.89 -7.15
CA GLY C 44 -10.78 17.96 -7.71
C GLY C 44 -10.85 17.93 -9.23
N CYS C 45 -9.70 18.02 -9.91
CA CYS C 45 -9.61 17.97 -11.35
C CYS C 45 -8.26 17.39 -11.75
N VAL C 46 -8.22 16.74 -12.91
CA VAL C 46 -6.97 16.20 -13.47
C VAL C 46 -7.15 16.09 -14.98
N ILE C 47 -6.13 16.52 -15.72
CA ILE C 47 -6.05 16.32 -17.17
C ILE C 47 -5.29 15.02 -17.42
N VAL C 48 -5.90 14.10 -18.17
CA VAL C 48 -5.31 12.82 -18.51
C VAL C 48 -4.98 12.85 -19.99
N GLU C 49 -3.70 12.69 -20.32
CA GLU C 49 -3.24 12.76 -21.70
C GLU C 49 -3.22 11.37 -22.35
N GLN C 50 -3.65 11.32 -23.62
CA GLN C 50 -3.63 10.12 -24.44
C GLN C 50 -4.40 8.98 -23.78
N VAL C 51 -5.68 9.25 -23.52
CA VAL C 51 -6.55 8.29 -22.86
C VAL C 51 -7.31 7.43 -23.88
N ILE C 52 -7.53 7.96 -25.08
CA ILE C 52 -8.29 7.26 -26.12
C ILE C 52 -7.61 7.48 -27.45
N CYS C 53 -7.89 6.60 -28.41
CA CYS C 53 -7.34 6.75 -29.76
C CYS C 53 -7.96 7.97 -30.42
N PRO C 54 -7.16 8.88 -30.98
CA PRO C 54 -7.74 10.05 -31.66
C PRO C 54 -8.71 9.70 -32.77
N ASN C 55 -8.54 8.57 -33.45
CA ASN C 55 -9.41 8.26 -34.59
C ASN C 55 -10.79 7.87 -34.13
N ILE C 56 -10.90 7.26 -32.94
CA ILE C 56 -12.21 7.04 -32.33
C ILE C 56 -12.92 8.37 -32.14
N ILE C 57 -12.24 9.34 -31.54
CA ILE C 57 -12.84 10.66 -31.33
C ILE C 57 -13.20 11.29 -32.66
N ALA C 58 -12.40 11.06 -33.71
CA ALA C 58 -12.70 11.61 -35.04
C ALA C 58 -14.00 11.03 -35.59
N LYS C 59 -14.19 9.71 -35.46
CA LYS C 59 -15.47 9.12 -35.87
C LYS C 59 -16.63 9.76 -35.12
N ILE C 60 -16.57 9.77 -33.78
CA ILE C 60 -17.63 10.40 -32.98
C ILE C 60 -17.88 11.82 -33.46
N SER C 61 -16.81 12.57 -33.70
CA SER C 61 -16.94 13.99 -34.01
C SER C 61 -17.59 14.21 -35.37
N ASP C 62 -17.27 13.37 -36.37
CA ASP C 62 -17.98 13.46 -37.64
C ASP C 62 -19.46 13.17 -37.45
N ASP C 63 -19.79 12.11 -36.71
CA ASP C 63 -21.20 11.85 -36.40
C ASP C 63 -21.89 13.09 -35.81
N VAL C 64 -21.31 13.68 -34.77
CA VAL C 64 -21.88 14.89 -34.18
C VAL C 64 -21.96 16.02 -35.20
N ASN C 65 -21.03 16.07 -36.14
CA ASN C 65 -21.03 17.12 -37.15
C ASN C 65 -22.26 17.03 -38.03
N ARG C 66 -22.58 15.83 -38.50
CA ARG C 66 -23.75 15.66 -39.37
C ARG C 66 -25.04 16.19 -38.74
N VAL C 67 -25.12 16.34 -37.42
CA VAL C 67 -26.30 16.90 -36.76
C VAL C 67 -25.85 18.01 -35.81
N MET C 68 -26.05 19.25 -36.23
CA MET C 68 -25.92 20.39 -35.31
C MET C 68 -26.95 21.50 -35.55
N ASP C 69 -27.40 21.72 -36.79
CA ASP C 69 -28.54 22.56 -37.08
C ASP C 69 -29.82 22.02 -36.45
N LYS C 70 -29.78 20.81 -35.88
CA LYS C 70 -30.92 20.20 -35.20
C LYS C 70 -30.84 20.37 -33.68
N ALA C 71 -30.20 21.43 -33.20
CA ALA C 71 -29.88 21.60 -31.79
C ALA C 71 -30.28 22.98 -31.31
N THR C 72 -30.71 23.06 -30.05
CA THR C 72 -31.14 24.30 -29.43
C THR C 72 -29.92 25.12 -29.02
N ILE C 73 -29.87 26.37 -29.46
CA ILE C 73 -28.81 27.29 -29.07
C ILE C 73 -29.26 28.05 -27.83
N GLY C 74 -28.49 27.94 -26.75
CA GLY C 74 -28.84 28.60 -25.51
C GLY C 74 -29.68 27.73 -24.59
N ALA C 75 -30.35 28.42 -23.65
CA ALA C 75 -31.08 27.75 -22.59
C ALA C 75 -32.15 26.82 -23.14
N LYS C 76 -32.48 25.80 -22.35
CA LYS C 76 -33.62 24.95 -22.64
C LYS C 76 -34.91 25.60 -22.16
N LYS C 77 -36.04 25.10 -22.68
CA LYS C 77 -37.35 25.71 -22.46
C LYS C 77 -37.75 25.75 -20.98
N GLY C 78 -37.62 26.91 -20.36
CA GLY C 78 -38.10 27.11 -19.00
C GLY C 78 -37.06 27.08 -17.90
N GLU C 79 -35.77 27.07 -18.24
CA GLU C 79 -34.70 26.95 -17.26
C GLU C 79 -33.97 28.28 -17.11
N GLN C 80 -33.89 28.79 -15.87
CA GLN C 80 -33.17 30.03 -15.58
C GLN C 80 -31.68 29.90 -15.92
N THR C 81 -31.03 31.05 -16.13
CA THR C 81 -29.72 31.08 -16.80
C THR C 81 -28.58 31.69 -16.01
N HIS C 82 -28.82 32.29 -14.86
CA HIS C 82 -27.85 33.16 -14.22
C HIS C 82 -26.91 32.44 -13.24
N ILE C 83 -26.98 31.12 -13.12
CA ILE C 83 -26.13 30.41 -12.17
C ILE C 83 -24.80 30.01 -12.79
N ILE C 84 -24.83 29.55 -14.05
CA ILE C 84 -23.62 29.29 -14.83
C ILE C 84 -23.47 30.26 -15.99
N ASN C 85 -24.35 31.26 -16.11
CA ASN C 85 -24.32 32.23 -17.21
C ASN C 85 -24.53 31.54 -18.56
N MET C 86 -25.72 30.97 -18.73
CA MET C 86 -26.09 30.34 -19.98
C MET C 86 -26.58 31.42 -20.94
N HIS C 87 -26.04 31.41 -22.17
CA HIS C 87 -26.27 32.48 -23.14
C HIS C 87 -26.41 31.86 -24.54
N ASN C 88 -26.66 32.73 -25.52
CA ASN C 88 -27.04 32.33 -26.86
C ASN C 88 -25.87 32.16 -27.83
N ARG C 89 -24.63 32.20 -27.35
CA ARG C 89 -23.47 31.90 -28.16
C ARG C 89 -22.93 30.49 -27.90
N THR C 90 -23.72 29.62 -27.27
CA THR C 90 -23.28 28.29 -26.93
C THR C 90 -24.36 27.26 -27.26
N ILE C 91 -23.91 26.08 -27.67
CA ILE C 91 -24.77 24.97 -28.08
C ILE C 91 -24.45 23.75 -27.21
N HIS C 92 -25.41 23.30 -26.41
CA HIS C 92 -25.35 22.01 -25.75
C HIS C 92 -26.27 21.04 -26.46
N MET C 93 -25.76 19.88 -26.85
CA MET C 93 -26.56 18.91 -27.60
C MET C 93 -26.39 17.50 -27.04
N GLY C 94 -27.48 16.93 -26.53
CA GLY C 94 -27.49 15.56 -26.05
C GLY C 94 -27.90 14.57 -27.12
N ASP C 95 -28.50 13.47 -26.68
CA ASP C 95 -29.08 12.46 -27.59
C ASP C 95 -27.98 11.73 -28.37
N LEU C 96 -26.88 11.40 -27.69
CA LEU C 96 -25.71 10.88 -28.38
C LEU C 96 -25.79 9.39 -28.66
N VAL C 97 -26.61 8.64 -27.92
CA VAL C 97 -26.66 7.19 -28.10
C VAL C 97 -27.17 6.85 -29.49
N LEU C 98 -28.21 7.54 -29.97
CA LEU C 98 -28.70 7.35 -31.33
C LEU C 98 -27.90 8.11 -32.37
N THR C 99 -27.05 9.05 -31.94
CA THR C 99 -26.27 9.83 -32.90
C THR C 99 -25.04 9.07 -33.39
N SER C 100 -24.41 8.27 -32.55
CA SER C 100 -23.11 7.69 -32.88
C SER C 100 -23.01 6.26 -32.38
N LYS C 101 -22.80 5.32 -33.32
CA LYS C 101 -22.46 3.95 -32.95
C LYS C 101 -21.15 3.87 -32.18
N THR C 102 -20.15 4.67 -32.58
CA THR C 102 -18.85 4.63 -31.91
C THR C 102 -18.94 5.11 -30.47
N TYR C 103 -19.76 6.15 -30.21
CA TYR C 103 -20.05 6.55 -28.84
C TYR C 103 -20.63 5.38 -28.05
N ARG C 104 -21.50 4.59 -28.67
CA ARG C 104 -22.16 3.51 -27.96
C ARG C 104 -21.19 2.38 -27.66
N ASP C 105 -20.30 2.09 -28.60
CA ASP C 105 -19.45 0.91 -28.52
C ASP C 105 -18.08 1.21 -27.93
N GLU C 106 -17.45 2.29 -28.36
CA GLU C 106 -16.10 2.56 -27.87
C GLU C 106 -16.13 3.43 -26.62
N LEU C 107 -16.76 4.62 -26.71
CA LEU C 107 -16.55 5.61 -25.68
C LEU C 107 -17.28 5.27 -24.38
N LEU C 108 -18.37 4.53 -24.45
CA LEU C 108 -19.09 4.21 -23.23
C LEU C 108 -18.49 3.04 -22.48
N ASN C 109 -17.52 2.33 -23.08
CA ASN C 109 -16.85 1.17 -22.48
C ASN C 109 -15.39 1.44 -22.13
N LEU C 110 -14.88 2.65 -22.37
CA LEU C 110 -13.50 3.07 -22.11
C LEU C 110 -13.06 2.68 -20.71
N PRO C 111 -12.16 1.70 -20.56
CA PRO C 111 -11.91 1.13 -19.21
C PRO C 111 -11.20 2.06 -18.25
N PHE C 112 -10.30 2.93 -18.72
CA PHE C 112 -9.67 3.91 -17.84
C PHE C 112 -10.73 4.69 -17.04
N ALA C 113 -11.75 5.18 -17.77
CA ALA C 113 -12.82 6.01 -17.19
C ALA C 113 -13.65 5.25 -16.15
N HIS C 114 -14.02 4.02 -16.46
CA HIS C 114 -14.75 3.18 -15.50
C HIS C 114 -13.90 2.80 -14.29
N GLU C 115 -12.58 2.67 -14.45
CA GLU C 115 -11.75 2.45 -13.27
C GLU C 115 -11.79 3.65 -12.34
N VAL C 116 -11.63 4.87 -12.91
CA VAL C 116 -11.79 6.10 -12.12
C VAL C 116 -13.19 6.20 -11.49
N LEU C 117 -14.25 6.05 -12.29
CA LEU C 117 -15.61 6.18 -11.74
C LEU C 117 -15.86 5.17 -10.63
N GLU C 118 -15.32 3.96 -10.79
CA GLU C 118 -15.43 2.95 -9.77
C GLU C 118 -14.77 3.41 -8.47
N LYS C 119 -13.55 3.94 -8.57
CA LYS C 119 -12.89 4.42 -7.35
C LYS C 119 -13.69 5.55 -6.70
N VAL C 120 -14.30 6.43 -7.51
CA VAL C 120 -15.05 7.56 -6.96
C VAL C 120 -16.31 7.10 -6.23
N PHE C 121 -17.09 6.22 -6.88
CA PHE C 121 -18.48 6.03 -6.46
C PHE C 121 -18.74 4.76 -5.66
N LYS C 122 -17.84 3.76 -5.71
CA LYS C 122 -18.20 2.41 -5.29
C LYS C 122 -18.47 2.33 -3.78
N LYS C 123 -17.59 2.88 -2.95
CA LYS C 123 -17.70 2.69 -1.50
C LYS C 123 -18.84 3.52 -0.91
N ASP C 124 -18.94 4.78 -1.28
CA ASP C 124 -19.89 5.68 -0.65
C ASP C 124 -21.28 5.63 -1.26
N SER C 125 -21.39 5.21 -2.53
CA SER C 125 -22.63 5.36 -3.27
C SER C 125 -23.12 4.08 -3.92
N GLY C 126 -22.22 3.26 -4.48
CA GLY C 126 -22.68 2.05 -5.12
C GLY C 126 -22.54 2.11 -6.63
N ASP C 127 -23.53 1.64 -7.38
CA ASP C 127 -23.46 1.76 -8.84
C ASP C 127 -23.65 3.22 -9.25
N TYR C 128 -23.08 3.55 -10.39
CA TYR C 128 -23.15 4.85 -11.03
C TYR C 128 -23.74 4.65 -12.43
N TRP C 129 -24.30 5.71 -13.01
CA TRP C 129 -24.65 5.70 -14.42
C TRP C 129 -24.57 7.14 -14.94
N LEU C 130 -24.96 7.34 -16.19
CA LEU C 130 -24.83 8.66 -16.80
C LEU C 130 -25.91 9.61 -16.30
N ASN C 131 -25.48 10.79 -15.82
CA ASN C 131 -26.35 11.97 -15.87
C ASN C 131 -26.70 12.31 -17.31
N MET C 132 -25.69 12.37 -18.17
CA MET C 132 -25.97 12.41 -19.61
C MET C 132 -24.65 12.50 -20.36
N GLY C 133 -24.72 12.23 -21.66
CA GLY C 133 -23.66 12.57 -22.58
C GLY C 133 -24.07 13.81 -23.35
N ASN C 134 -23.14 14.77 -23.45
CA ASN C 134 -23.48 16.13 -23.87
C ASN C 134 -22.37 16.70 -24.76
N ILE C 135 -22.74 17.26 -25.91
CA ILE C 135 -21.79 18.01 -26.71
C ILE C 135 -21.79 19.45 -26.23
N LEU C 136 -20.61 19.94 -25.86
CA LEU C 136 -20.39 21.30 -25.36
C LEU C 136 -19.70 22.07 -26.48
N ASN C 137 -20.53 22.68 -27.34
CA ASN C 137 -20.07 23.49 -28.46
C ASN C 137 -20.09 24.95 -28.05
N MET C 138 -18.97 25.62 -28.26
CA MET C 138 -18.77 27.00 -27.87
C MET C 138 -18.42 27.77 -29.14
N LEU C 139 -19.36 28.56 -29.62
CA LEU C 139 -19.21 29.25 -30.89
C LEU C 139 -18.34 30.50 -30.75
N PRO C 140 -17.62 30.88 -31.81
CA PRO C 140 -16.82 32.11 -31.77
C PRO C 140 -17.63 33.30 -31.26
N GLY C 141 -17.08 33.98 -30.25
CA GLY C 141 -17.78 35.06 -29.58
C GLY C 141 -18.38 34.71 -28.24
N ALA C 142 -18.39 33.43 -27.87
CA ALA C 142 -18.91 32.97 -26.60
C ALA C 142 -18.11 33.57 -25.44
N GLU C 143 -18.83 34.10 -24.46
CA GLU C 143 -18.20 34.66 -23.28
C GLU C 143 -18.06 33.57 -22.21
N ALA C 144 -17.30 33.90 -21.17
CA ALA C 144 -17.05 32.95 -20.09
C ALA C 144 -18.29 32.74 -19.24
N GLN C 145 -18.44 31.53 -18.73
CA GLN C 145 -19.45 31.27 -17.74
C GLN C 145 -18.96 31.71 -16.38
N ARG C 146 -19.90 31.88 -15.46
CA ARG C 146 -19.54 32.13 -14.07
C ARG C 146 -19.03 30.82 -13.47
N PRO C 147 -17.86 30.81 -12.81
CA PRO C 147 -17.43 29.59 -12.12
C PRO C 147 -18.49 29.08 -11.14
N HIS C 148 -18.68 27.76 -11.14
CA HIS C 148 -19.75 27.14 -10.39
C HIS C 148 -19.36 25.71 -10.07
N ARG C 149 -20.17 25.08 -9.23
CA ARG C 149 -20.13 23.65 -8.96
C ARG C 149 -21.30 22.99 -9.68
N ASP C 150 -21.02 21.91 -10.44
CA ASP C 150 -22.07 21.21 -11.18
C ASP C 150 -23.06 20.55 -10.22
N ASP C 151 -22.60 20.17 -9.02
CA ASP C 151 -23.48 19.49 -8.09
C ASP C 151 -24.62 20.38 -7.61
N TYR C 152 -24.63 21.66 -8.00
CA TYR C 152 -25.75 22.54 -7.69
C TYR C 152 -27.04 22.04 -8.31
N LEU C 153 -26.94 21.31 -9.43
CA LEU C 153 -28.14 20.75 -10.06
C LEU C 153 -29.02 19.98 -9.07
N TYR C 154 -28.41 19.31 -8.09
CA TYR C 154 -29.13 18.44 -7.16
C TYR C 154 -29.28 19.15 -5.83
N PRO C 155 -30.50 19.43 -5.36
CA PRO C 155 -30.65 20.28 -4.16
C PRO C 155 -30.01 19.73 -2.90
N VAL C 156 -29.93 18.39 -2.74
CA VAL C 156 -29.35 17.83 -1.51
C VAL C 156 -27.91 18.26 -1.31
N SER C 157 -27.22 18.66 -2.38
CA SER C 157 -25.83 19.09 -2.24
C SER C 157 -25.70 20.31 -1.34
N GLN C 158 -26.74 21.11 -1.24
CA GLN C 158 -26.68 22.29 -0.38
C GLN C 158 -26.89 21.97 1.09
N HIS C 159 -27.07 20.69 1.45
CA HIS C 159 -27.34 20.29 2.82
C HIS C 159 -26.28 19.35 3.35
N MET C 160 -25.24 19.11 2.58
CA MET C 160 -24.12 18.27 2.96
C MET C 160 -22.85 19.10 2.95
N ASP C 161 -22.01 18.87 3.97
CA ASP C 161 -20.71 19.52 4.07
C ASP C 161 -19.80 19.02 2.95
N PRO C 162 -19.28 19.90 2.08
CA PRO C 162 -18.47 19.42 0.95
C PRO C 162 -17.21 18.66 1.34
N ALA C 163 -16.64 18.93 2.52
CA ALA C 163 -15.38 18.29 2.90
C ALA C 163 -15.55 16.83 3.27
N THR C 164 -16.78 16.39 3.58
CA THR C 164 -17.02 15.02 4.07
C THR C 164 -18.04 14.24 3.27
N SER C 165 -18.85 14.87 2.42
CA SER C 165 -19.99 14.20 1.79
C SER C 165 -19.57 13.53 0.48
N PRO C 166 -20.38 12.60 -0.04
CA PRO C 166 -19.97 11.87 -1.24
C PRO C 166 -19.94 12.78 -2.47
N ASP C 167 -19.22 12.31 -3.48
CA ASP C 167 -19.29 12.94 -4.78
C ASP C 167 -20.61 12.60 -5.44
N LEU C 168 -21.31 13.64 -5.92
CA LEU C 168 -22.56 13.44 -6.62
C LEU C 168 -22.41 13.46 -8.14
N MET C 169 -21.22 13.78 -8.66
CA MET C 169 -21.04 13.85 -10.10
C MET C 169 -19.55 13.79 -10.44
N ILE C 170 -19.23 13.16 -11.58
CA ILE C 170 -17.90 13.15 -12.19
C ILE C 170 -18.08 13.47 -13.68
N ASN C 171 -17.48 14.57 -14.13
CA ASN C 171 -17.49 14.96 -15.53
C ASN C 171 -16.19 14.53 -16.22
N ILE C 172 -16.33 13.84 -17.35
CA ILE C 172 -15.22 13.49 -18.23
C ILE C 172 -15.44 14.22 -19.56
N THR C 173 -14.54 15.13 -19.90
CA THR C 173 -14.70 15.96 -21.09
C THR C 173 -13.60 15.61 -22.10
N PHE C 174 -14.02 15.18 -23.30
CA PHE C 174 -13.08 14.90 -24.38
C PHE C 174 -13.10 16.04 -25.36
N PRO C 175 -11.99 16.69 -25.66
CA PRO C 175 -12.00 17.65 -26.77
C PRO C 175 -12.27 16.90 -28.06
N LEU C 176 -13.13 17.48 -28.88
CA LEU C 176 -13.25 17.02 -30.26
C LEU C 176 -12.36 17.83 -31.20
N ASN C 177 -11.84 18.96 -30.72
CA ASN C 177 -10.72 19.68 -31.33
C ASN C 177 -9.84 20.21 -30.20
N GLU C 178 -8.78 20.93 -30.54
CA GLU C 178 -7.84 21.35 -29.50
C GLU C 178 -8.45 22.39 -28.57
N PHE C 179 -8.25 22.22 -27.26
CA PHE C 179 -8.63 23.20 -26.25
C PHE C 179 -7.42 24.05 -25.91
N ARG C 180 -7.53 25.35 -26.08
CA ARG C 180 -6.53 26.31 -25.65
C ARG C 180 -7.19 27.33 -24.75
N HIS C 181 -6.39 28.13 -24.05
CA HIS C 181 -7.01 29.21 -23.30
C HIS C 181 -7.76 30.16 -24.23
N ASP C 182 -7.30 30.32 -25.47
CA ASP C 182 -7.80 31.40 -26.33
C ASP C 182 -9.14 31.08 -26.98
N ASN C 183 -9.43 29.80 -27.25
CA ASN C 183 -10.72 29.42 -27.82
C ASN C 183 -11.74 28.95 -26.75
N GLY C 184 -11.51 29.31 -25.48
CA GLY C 184 -12.46 29.01 -24.43
C GLY C 184 -12.34 27.67 -23.76
N GLY C 185 -11.13 27.10 -23.65
CA GLY C 185 -10.97 25.82 -22.99
C GLY C 185 -11.32 25.91 -21.51
N THR C 186 -12.00 24.87 -21.02
CA THR C 186 -12.67 24.90 -19.71
C THR C 186 -11.75 25.46 -18.62
N LEU C 187 -12.27 26.43 -17.88
CA LEU C 187 -11.56 27.04 -16.75
C LEU C 187 -11.89 26.28 -15.48
N LEU C 188 -10.87 26.03 -14.66
CA LEU C 188 -11.02 25.32 -13.40
C LEU C 188 -10.25 26.07 -12.33
N LEU C 189 -10.53 25.76 -11.08
CA LEU C 189 -9.78 26.32 -9.96
C LEU C 189 -9.38 25.12 -9.11
N PRO C 190 -8.17 24.61 -9.30
CA PRO C 190 -7.78 23.39 -8.59
C PRO C 190 -7.83 23.61 -7.08
N LYS C 191 -8.12 22.51 -6.38
CA LYS C 191 -8.18 22.42 -4.92
C LYS C 191 -9.35 23.20 -4.33
N SER C 192 -10.35 23.55 -5.16
CA SER C 192 -11.54 24.26 -4.69
C SER C 192 -12.69 23.33 -4.31
N HIS C 193 -12.43 22.03 -4.21
CA HIS C 193 -13.46 21.00 -4.12
C HIS C 193 -13.80 20.61 -2.69
N THR C 194 -13.14 21.19 -1.69
CA THR C 194 -13.43 20.89 -0.29
C THR C 194 -14.07 22.04 0.49
N GLY C 195 -14.07 23.25 -0.05
CA GLY C 195 -14.61 24.40 0.64
C GLY C 195 -16.12 24.45 0.62
N PRO C 196 -16.67 25.33 1.44
CA PRO C 196 -18.13 25.43 1.58
C PRO C 196 -18.80 25.93 0.31
N ASN C 197 -20.07 25.53 0.15
CA ASN C 197 -20.86 26.03 -0.96
C ASN C 197 -21.00 27.55 -0.81
N ALA C 198 -20.90 28.25 -1.92
CA ALA C 198 -20.93 29.70 -1.88
C ALA C 198 -21.65 30.22 -3.12
N ASP C 199 -22.11 31.45 -3.06
CA ASP C 199 -22.80 32.03 -4.20
C ASP C 199 -21.86 32.77 -5.14
N PHE C 200 -20.64 33.03 -4.70
CA PHE C 200 -19.55 33.50 -5.55
C PHE C 200 -18.32 32.68 -5.21
N TYR C 201 -17.56 32.28 -6.24
CA TYR C 201 -16.28 31.60 -6.02
C TYR C 201 -15.11 32.35 -6.60
N ALA C 202 -15.18 32.80 -7.86
CA ALA C 202 -14.10 33.58 -8.48
C ALA C 202 -14.60 34.18 -9.78
N ASN C 203 -13.91 35.21 -10.27
CA ASN C 203 -14.14 35.66 -11.64
C ASN C 203 -13.45 34.69 -12.58
N ALA C 204 -14.04 34.45 -13.75
CA ALA C 204 -13.42 33.53 -14.69
C ALA C 204 -12.11 34.07 -15.25
N GLU C 205 -11.89 35.38 -15.19
CA GLU C 205 -10.64 35.98 -15.68
C GLU C 205 -9.43 35.47 -14.91
N ASP C 206 -9.61 35.06 -13.65
CA ASP C 206 -8.53 34.65 -12.76
C ASP C 206 -8.28 33.14 -12.75
N LEU C 207 -8.87 32.38 -13.69
CA LEU C 207 -8.71 30.94 -13.60
C LEU C 207 -7.90 30.40 -14.76
N PRO C 208 -7.04 29.40 -14.53
CA PRO C 208 -6.36 28.73 -15.64
C PRO C 208 -7.31 27.91 -16.50
N ALA C 209 -6.90 27.69 -17.74
CA ALA C 209 -7.69 26.93 -18.70
C ALA C 209 -7.12 25.53 -18.92
N ALA C 210 -8.02 24.58 -19.15
CA ALA C 210 -7.64 23.23 -19.52
C ALA C 210 -7.27 23.26 -21.00
N GLU C 211 -5.97 23.12 -21.28
CA GLU C 211 -5.44 23.10 -22.64
C GLU C 211 -5.04 21.67 -22.96
N MET C 212 -5.63 21.09 -24.00
CA MET C 212 -5.46 19.67 -24.30
C MET C 212 -5.64 19.44 -25.80
N GLN C 213 -5.25 18.25 -26.24
CA GLN C 213 -5.42 17.81 -27.62
C GLN C 213 -6.46 16.70 -27.68
N VAL C 214 -7.01 16.48 -28.87
CA VAL C 214 -7.83 15.30 -29.14
C VAL C 214 -7.12 14.03 -28.68
N GLY C 215 -7.83 13.18 -27.94
CA GLY C 215 -7.26 12.02 -27.31
C GLY C 215 -6.98 12.18 -25.84
N ASP C 216 -6.90 13.41 -25.35
CA ASP C 216 -6.88 13.74 -23.93
C ASP C 216 -8.30 13.85 -23.37
N ALA C 217 -8.41 13.81 -22.05
CA ALA C 217 -9.70 14.04 -21.40
C ALA C 217 -9.48 14.77 -20.09
N LEU C 218 -10.38 15.70 -19.76
CA LEU C 218 -10.37 16.41 -18.49
C LEU C 218 -11.40 15.81 -17.55
N ILE C 219 -10.98 15.42 -16.36
CA ILE C 219 -11.86 14.80 -15.38
C ILE C 219 -11.98 15.72 -14.19
N PHE C 220 -13.20 16.14 -13.84
CA PHE C 220 -13.38 16.94 -12.62
C PHE C 220 -14.70 16.55 -11.94
N THR C 221 -14.76 16.84 -10.64
CA THR C 221 -15.87 16.42 -9.79
C THR C 221 -16.90 17.53 -9.67
N GLY C 222 -18.09 17.15 -9.19
CA GLY C 222 -19.20 18.05 -9.02
C GLY C 222 -18.98 19.13 -7.98
N LYS C 223 -17.92 19.04 -7.19
CA LYS C 223 -17.54 20.08 -6.25
C LYS C 223 -16.38 20.96 -6.72
N CYS C 224 -15.83 20.70 -7.92
CA CYS C 224 -14.76 21.53 -8.45
C CYS C 224 -15.35 22.77 -9.14
N VAL C 225 -14.83 23.93 -8.77
CA VAL C 225 -15.21 25.20 -9.39
C VAL C 225 -14.60 25.27 -10.79
N HIS C 226 -15.42 25.55 -11.79
CA HIS C 226 -15.03 25.47 -13.19
C HIS C 226 -16.06 26.28 -13.98
N GLY C 227 -15.82 26.41 -15.28
CA GLY C 227 -16.82 26.97 -16.17
C GLY C 227 -16.22 27.11 -17.55
N GLY C 228 -17.11 27.24 -18.53
CA GLY C 228 -16.65 27.44 -19.89
C GLY C 228 -15.90 28.75 -20.02
N GLY C 229 -14.84 28.74 -20.83
CA GLY C 229 -14.05 29.94 -21.05
C GLY C 229 -14.60 30.82 -22.17
N ALA C 230 -13.96 31.98 -22.33
CA ALA C 230 -14.28 32.89 -23.43
C ALA C 230 -13.67 32.35 -24.71
N ASN C 231 -14.50 32.12 -25.73
CA ASN C 231 -14.00 31.71 -27.04
C ASN C 231 -13.71 32.96 -27.86
N ARG C 232 -12.51 33.50 -27.66
CA ARG C 232 -12.03 34.63 -28.44
C ARG C 232 -11.46 34.20 -29.79
N SER C 233 -11.75 32.99 -30.30
CA SER C 233 -11.16 32.51 -31.55
C SER C 233 -12.16 32.66 -32.69
N ASP C 234 -11.79 32.15 -33.87
CA ASP C 234 -12.58 32.28 -35.08
C ASP C 234 -13.32 31.00 -35.45
N LYS C 235 -13.19 29.95 -34.66
CA LYS C 235 -13.84 28.67 -34.90
C LYS C 235 -14.49 28.19 -33.62
N PRO C 236 -15.47 27.28 -33.71
CA PRO C 236 -16.03 26.67 -32.50
C PRO C 236 -15.00 25.86 -31.72
N ARG C 237 -15.14 25.85 -30.41
CA ARG C 237 -14.42 24.94 -29.53
C ARG C 237 -15.44 23.92 -29.05
N ILE C 238 -15.21 22.64 -29.34
CA ILE C 238 -16.22 21.62 -29.15
C ILE C 238 -15.67 20.48 -28.30
N GLY C 239 -16.45 20.08 -27.29
CA GLY C 239 -16.09 18.96 -26.45
C GLY C 239 -17.27 18.01 -26.29
N LEU C 240 -16.97 16.86 -25.70
CA LEU C 240 -17.98 15.84 -25.40
C LEU C 240 -17.86 15.51 -23.92
N ALA C 241 -18.82 15.95 -23.12
CA ALA C 241 -18.83 15.66 -21.71
C ALA C 241 -19.69 14.43 -21.43
N LEU C 242 -19.07 13.38 -20.90
CA LEU C 242 -19.76 12.29 -20.24
C LEU C 242 -19.85 12.60 -18.77
N ALA C 243 -21.05 12.92 -18.26
CA ALA C 243 -21.23 13.14 -16.84
C ALA C 243 -21.90 11.92 -16.22
N ALA C 244 -21.25 11.35 -15.20
CA ALA C 244 -21.74 10.23 -14.42
C ALA C 244 -22.07 10.64 -12.98
N GLN C 245 -22.99 9.89 -12.37
CA GLN C 245 -23.56 10.20 -11.08
C GLN C 245 -23.98 8.89 -10.40
N PRO C 246 -24.19 8.90 -9.07
CA PRO C 246 -24.69 7.69 -8.41
C PRO C 246 -26.04 7.26 -8.95
N GLY C 247 -26.28 5.95 -8.86
CA GLY C 247 -27.49 5.37 -9.43
C GLY C 247 -28.75 5.82 -8.75
N TYR C 248 -28.66 6.33 -7.54
CA TYR C 248 -29.85 6.80 -6.83
C TYR C 248 -30.25 8.23 -7.19
N LEU C 249 -29.50 8.91 -8.08
CA LEU C 249 -29.88 10.19 -8.65
C LEU C 249 -30.41 10.00 -10.06
N THR C 250 -31.46 10.72 -10.39
CA THR C 250 -32.19 10.60 -11.63
C THR C 250 -31.42 11.24 -12.79
N PRO C 251 -31.17 10.52 -13.88
CA PRO C 251 -30.49 11.14 -15.02
C PRO C 251 -31.29 12.30 -15.58
N ARG C 252 -30.57 13.34 -16.01
CA ARG C 252 -31.18 14.45 -16.73
C ARG C 252 -31.72 14.00 -18.07
N GLU C 253 -31.12 12.98 -18.67
CA GLU C 253 -31.51 12.52 -19.99
C GLU C 253 -31.98 11.08 -19.93
N SER C 254 -33.25 10.85 -20.29
CA SER C 254 -33.77 9.51 -20.41
C SER C 254 -33.44 8.93 -21.78
N ASN C 255 -33.41 7.61 -21.87
CA ASN C 255 -33.10 6.91 -23.11
C ASN C 255 -34.15 5.84 -23.42
N VAL C 256 -35.41 6.06 -23.02
CA VAL C 256 -36.46 5.08 -23.19
C VAL C 256 -36.89 4.92 -24.66
N ASN C 257 -36.55 5.85 -25.52
CA ASN C 257 -36.97 5.77 -26.92
C ASN C 257 -35.86 5.28 -27.83
N VAL C 258 -34.74 4.82 -27.28
CA VAL C 258 -33.79 4.08 -28.11
C VAL C 258 -34.39 2.71 -28.41
N PRO C 259 -34.48 2.31 -29.69
CA PRO C 259 -35.12 1.04 -30.00
C PRO C 259 -34.38 -0.08 -29.29
N ARG C 260 -35.14 -1.05 -28.81
CA ARG C 260 -34.54 -2.16 -28.08
C ARG C 260 -33.52 -2.89 -28.95
N ASP C 261 -33.71 -2.91 -30.27
CA ASP C 261 -32.79 -3.62 -31.14
C ASP C 261 -31.41 -2.99 -31.14
N ILE C 262 -31.33 -1.66 -31.01
CA ILE C 262 -30.04 -0.99 -30.89
C ILE C 262 -29.44 -1.24 -29.51
N VAL C 263 -30.26 -1.14 -28.46
CA VAL C 263 -29.78 -1.33 -27.09
C VAL C 263 -29.23 -2.73 -26.89
N GLU C 264 -29.70 -3.72 -27.65
CA GLU C 264 -29.19 -5.07 -27.44
C GLU C 264 -27.88 -5.33 -28.19
N THR C 265 -27.39 -4.37 -28.97
CA THR C 265 -26.05 -4.48 -29.53
C THR C 265 -24.96 -3.99 -28.58
N MET C 266 -25.34 -3.45 -27.41
CA MET C 266 -24.41 -2.85 -26.45
C MET C 266 -24.07 -3.84 -25.32
N THR C 267 -22.97 -3.54 -24.61
CA THR C 267 -22.48 -4.37 -23.51
C THR C 267 -23.35 -4.13 -22.28
N PRO C 268 -23.35 -5.05 -21.30
CA PRO C 268 -24.23 -4.83 -20.13
C PRO C 268 -23.85 -3.60 -19.33
N LEU C 269 -22.58 -3.20 -19.38
CA LEU C 269 -22.11 -2.00 -18.68
C LEU C 269 -22.61 -0.71 -19.34
N ALA C 270 -22.35 -0.55 -20.66
CA ALA C 270 -22.86 0.61 -21.36
C ALA C 270 -24.38 0.65 -21.31
N GLN C 271 -25.00 -0.53 -21.36
CA GLN C 271 -26.44 -0.64 -21.18
C GLN C 271 -26.86 -0.03 -19.84
N ARG C 272 -26.18 -0.40 -18.75
CA ARG C 272 -26.48 0.23 -17.46
C ARG C 272 -26.21 1.74 -17.50
N MET C 273 -25.21 2.17 -18.26
CA MET C 273 -24.85 3.59 -18.31
C MET C 273 -25.99 4.43 -18.86
N ILE C 274 -26.70 3.93 -19.87
CA ILE C 274 -27.80 4.70 -20.45
C ILE C 274 -29.13 4.41 -19.74
N GLY C 275 -29.09 3.73 -18.59
CA GLY C 275 -30.28 3.54 -17.79
C GLY C 275 -31.07 2.30 -18.10
N TRP C 276 -30.56 1.41 -18.95
CA TRP C 276 -31.12 0.08 -19.19
C TRP C 276 -30.47 -0.99 -18.33
N GLY C 277 -30.38 -0.73 -17.03
CA GLY C 277 -30.09 -1.76 -16.05
C GLY C 277 -30.61 -1.36 -14.70
N THR C 278 -30.56 -2.31 -13.77
CA THR C 278 -30.76 -1.99 -12.36
C THR C 278 -29.46 -1.42 -11.79
N VAL C 279 -29.60 -0.51 -10.83
CA VAL C 279 -28.46 0.09 -10.14
C VAL C 279 -28.65 -0.17 -8.66
N ARG C 280 -27.63 -0.75 -8.01
CA ARG C 280 -27.70 -1.08 -6.59
C ARG C 280 -26.96 -0.05 -5.78
N THR C 281 -27.50 0.29 -4.61
CA THR C 281 -26.76 1.15 -3.70
C THR C 281 -25.64 0.36 -3.02
N LYS C 282 -24.74 1.09 -2.37
CA LYS C 282 -23.67 0.51 -1.59
C LYS C 282 -24.21 -0.35 -0.46
N ASP C 283 -25.49 -0.21 -0.14
CA ASP C 283 -26.19 -1.01 0.86
C ASP C 283 -26.89 -2.24 0.25
N THR C 284 -26.67 -2.52 -1.04
CA THR C 284 -27.16 -3.66 -1.83
C THR C 284 -28.62 -3.54 -2.26
N TYR C 285 -29.34 -2.49 -1.90
CA TYR C 285 -30.70 -2.31 -2.34
C TYR C 285 -30.71 -1.86 -3.78
N GLY C 286 -31.61 -2.44 -4.59
CA GLY C 286 -31.68 -2.13 -6.00
C GLY C 286 -32.67 -1.02 -6.31
N LEU C 287 -32.32 -0.20 -7.28
CA LEU C 287 -33.21 0.83 -7.80
C LEU C 287 -33.28 0.63 -9.30
N ASN C 288 -34.33 1.17 -9.92
CA ASN C 288 -34.58 0.94 -11.35
C ASN C 288 -34.83 -0.53 -11.64
N MET C 289 -35.71 -1.14 -10.83
CA MET C 289 -36.10 -2.54 -10.97
C MET C 289 -37.36 -2.66 -11.83
N LEU C 290 -37.67 -3.90 -12.22
CA LEU C 290 -38.83 -4.20 -13.06
C LEU C 290 -39.53 -5.44 -12.53
N GLN C 291 -40.81 -5.30 -12.14
CA GLN C 291 -41.62 -6.43 -11.71
C GLN C 291 -40.95 -7.18 -10.56
N ASP C 292 -40.44 -6.40 -9.60
CA ASP C 292 -39.81 -6.88 -8.37
C ASP C 292 -38.48 -7.60 -8.64
N LYS C 293 -37.86 -7.40 -9.80
CA LYS C 293 -36.60 -8.09 -10.08
C LYS C 293 -35.69 -7.22 -10.94
N ASP C 294 -34.56 -7.81 -11.31
CA ASP C 294 -33.57 -7.16 -12.16
C ASP C 294 -34.20 -6.71 -13.48
N PHE C 295 -33.81 -5.51 -13.91
CA PHE C 295 -34.18 -4.95 -15.21
C PHE C 295 -33.92 -5.93 -16.36
N HIS C 296 -32.66 -6.35 -16.54
CA HIS C 296 -32.35 -7.32 -17.59
C HIS C 296 -33.21 -8.57 -17.43
N GLU C 297 -33.25 -9.12 -16.21
CA GLU C 297 -33.97 -10.36 -15.93
C GLU C 297 -35.44 -10.25 -16.31
N ALA C 298 -36.09 -9.15 -15.92
CA ALA C 298 -37.50 -8.96 -16.19
C ALA C 298 -37.79 -8.69 -17.67
N LEU C 299 -36.82 -8.12 -18.40
CA LEU C 299 -37.02 -7.94 -19.84
C LEU C 299 -36.51 -9.11 -20.67
N GLY C 300 -35.59 -9.90 -20.15
CA GLY C 300 -34.84 -10.79 -21.00
C GLY C 300 -34.11 -9.99 -22.06
N LEU C 301 -33.25 -9.09 -21.62
CA LEU C 301 -32.59 -8.13 -22.50
C LEU C 301 -31.20 -8.66 -22.84
N LYS C 302 -31.00 -9.02 -24.11
CA LYS C 302 -29.72 -9.50 -24.60
C LYS C 302 -28.71 -8.35 -24.66
N SER C 303 -27.43 -8.72 -24.67
CA SER C 303 -26.36 -7.74 -24.63
C SER C 303 -25.14 -8.31 -25.34
N LYS C 304 -24.15 -7.43 -25.56
CA LYS C 304 -22.90 -7.80 -26.21
C LYS C 304 -21.89 -8.26 -25.16
N THR C 305 -21.19 -9.35 -25.48
CA THR C 305 -20.19 -9.94 -24.58
C THR C 305 -18.82 -9.30 -24.76
N HIS D 20 11.79 -3.84 -14.68
CA HIS D 20 11.96 -2.65 -15.50
C HIS D 20 12.70 -1.53 -14.73
N MET D 21 12.93 -1.76 -13.43
CA MET D 21 13.57 -0.76 -12.58
C MET D 21 15.09 -0.89 -12.65
N PRO D 22 15.82 0.17 -13.05
CA PRO D 22 17.28 0.08 -13.05
C PRO D 22 17.83 0.16 -11.64
N PRO D 23 19.01 -0.41 -11.39
CA PRO D 23 19.64 -0.30 -10.06
C PRO D 23 20.45 0.98 -9.90
N ILE D 24 20.63 1.37 -8.64
CA ILE D 24 21.49 2.51 -8.29
C ILE D 24 22.93 2.05 -8.36
N ARG D 25 23.70 2.61 -9.30
CA ARG D 25 25.05 2.16 -9.54
C ARG D 25 26.04 2.89 -8.63
N ARG D 26 27.15 2.23 -8.35
CA ARG D 26 28.08 2.76 -7.39
C ARG D 26 29.52 2.49 -7.84
N VAL D 27 30.44 3.32 -7.34
CA VAL D 27 31.88 3.19 -7.59
C VAL D 27 32.59 3.51 -6.28
N ASN D 28 33.90 3.18 -6.25
CA ASN D 28 34.79 3.64 -5.18
C ASN D 28 35.41 4.95 -5.62
N ALA D 29 35.52 5.88 -4.68
CA ALA D 29 36.23 7.12 -4.95
C ALA D 29 37.63 6.89 -5.50
N SER D 30 38.25 5.74 -5.22
CA SER D 30 39.57 5.44 -5.76
C SER D 30 39.56 5.13 -7.25
N GLN D 31 38.38 5.02 -7.86
CA GLN D 31 38.25 4.84 -9.31
C GLN D 31 38.24 6.16 -10.06
N GLY D 32 38.24 7.28 -9.36
CA GLY D 32 38.39 8.57 -9.98
C GLY D 32 37.07 9.31 -10.05
N SER D 33 37.15 10.65 -10.08
CA SER D 33 35.97 11.47 -10.27
C SER D 33 35.34 11.28 -11.65
N ASP D 34 36.13 10.94 -12.67
CA ASP D 34 35.60 10.79 -14.02
C ASP D 34 34.66 9.59 -14.14
N ALA D 35 34.91 8.52 -13.39
CA ALA D 35 34.04 7.34 -13.46
C ALA D 35 32.67 7.61 -12.82
N ALA D 36 32.68 8.16 -11.60
CA ALA D 36 31.47 8.67 -10.98
C ALA D 36 30.72 9.59 -11.92
N TYR D 37 31.42 10.55 -12.54
CA TYR D 37 30.74 11.49 -13.45
C TYR D 37 30.07 10.76 -14.61
N GLN D 38 30.72 9.75 -15.19
CA GLN D 38 30.08 8.99 -16.25
C GLN D 38 28.78 8.35 -15.78
N ILE D 39 28.80 7.72 -14.59
CA ILE D 39 27.58 7.09 -14.09
C ILE D 39 26.49 8.14 -13.82
N LEU D 40 26.84 9.28 -13.24
CA LEU D 40 25.84 10.33 -12.97
C LEU D 40 25.26 10.87 -14.27
N GLN D 41 26.02 10.85 -15.36
CA GLN D 41 25.51 11.30 -16.65
C GLN D 41 24.55 10.28 -17.26
N GLU D 42 24.80 8.98 -17.04
CA GLU D 42 23.91 7.98 -17.60
C GLU D 42 22.70 7.71 -16.73
N ASP D 43 22.80 7.97 -15.44
CA ASP D 43 21.77 7.56 -14.49
C ASP D 43 21.11 8.72 -13.74
N GLY D 44 21.75 9.89 -13.68
CA GLY D 44 21.26 10.95 -12.82
C GLY D 44 21.61 10.79 -11.36
N CYS D 45 22.11 9.63 -10.96
CA CYS D 45 22.50 9.34 -9.58
C CYS D 45 23.64 8.32 -9.58
N VAL D 46 24.54 8.45 -8.60
CA VAL D 46 25.68 7.54 -8.38
C VAL D 46 26.01 7.54 -6.90
N ILE D 47 26.28 6.35 -6.35
CA ILE D 47 26.81 6.22 -4.98
C ILE D 47 28.32 6.07 -5.07
N VAL D 48 29.05 6.93 -4.35
CA VAL D 48 30.51 6.90 -4.29
C VAL D 48 30.92 6.36 -2.92
N GLU D 49 31.64 5.24 -2.92
CA GLU D 49 32.06 4.59 -1.69
C GLU D 49 33.40 5.15 -1.23
N GLN D 50 33.56 5.27 0.10
CA GLN D 50 34.78 5.72 0.76
C GLN D 50 35.35 6.99 0.13
N VAL D 51 34.53 8.04 0.08
CA VAL D 51 35.00 9.30 -0.50
C VAL D 51 35.63 10.23 0.55
N ILE D 52 35.36 10.01 1.82
CA ILE D 52 35.77 10.91 2.89
C ILE D 52 36.06 10.08 4.14
N CYS D 53 37.10 10.47 4.86
CA CYS D 53 37.45 9.78 6.11
C CYS D 53 36.25 9.75 7.04
N PRO D 54 35.89 8.60 7.59
CA PRO D 54 34.73 8.55 8.50
C PRO D 54 34.90 9.42 9.76
N ASN D 55 36.14 9.75 10.13
CA ASN D 55 36.37 10.59 11.29
C ASN D 55 35.94 12.03 11.05
N ILE D 56 36.18 12.55 9.84
CA ILE D 56 35.65 13.86 9.45
C ILE D 56 34.15 13.91 9.73
N ILE D 57 33.42 12.94 9.16
CA ILE D 57 31.97 12.91 9.31
C ILE D 57 31.57 12.75 10.77
N ALA D 58 32.38 12.01 11.54
CA ALA D 58 32.04 11.77 12.95
C ALA D 58 32.11 13.06 13.76
N LYS D 59 33.20 13.82 13.60
CA LYS D 59 33.29 15.13 14.21
C LYS D 59 32.11 16.00 13.81
N ILE D 60 31.83 16.07 12.51
CA ILE D 60 30.72 16.89 12.04
C ILE D 60 29.40 16.46 12.69
N SER D 61 29.25 15.15 12.94
CA SER D 61 27.99 14.70 13.52
C SER D 61 27.90 15.01 15.01
N ASP D 62 29.03 15.04 15.73
CA ASP D 62 28.98 15.51 17.11
C ASP D 62 28.58 16.98 17.15
N ASP D 63 29.23 17.80 16.31
CA ASP D 63 28.85 19.21 16.20
C ASP D 63 27.35 19.36 15.94
N VAL D 64 26.81 18.61 14.97
CA VAL D 64 25.40 18.75 14.61
C VAL D 64 24.50 18.32 15.76
N ASN D 65 24.86 17.23 16.45
CA ASN D 65 23.99 16.73 17.51
C ASN D 65 23.95 17.67 18.71
N ARG D 66 25.04 18.40 18.98
CA ARG D 66 25.02 19.30 20.13
C ARG D 66 23.97 20.41 20.01
N VAL D 67 23.51 20.74 18.79
CA VAL D 67 22.65 21.90 18.58
C VAL D 67 21.29 21.51 17.99
N MET D 68 20.90 20.24 18.10
CA MET D 68 19.65 19.78 17.50
C MET D 68 18.41 20.35 18.17
N ASP D 69 18.55 20.91 19.38
CA ASP D 69 17.39 21.41 20.12
C ASP D 69 16.85 22.72 19.57
N LYS D 70 17.49 23.30 18.55
CA LYS D 70 17.08 24.57 17.98
C LYS D 70 16.60 24.44 16.54
N ALA D 71 16.15 23.25 16.14
CA ALA D 71 15.76 23.00 14.77
C ALA D 71 14.24 23.04 14.61
N THR D 72 13.79 23.11 13.37
CA THR D 72 12.38 23.13 13.02
C THR D 72 11.96 21.76 12.51
N ILE D 73 10.79 21.29 12.96
CA ILE D 73 10.22 20.02 12.52
C ILE D 73 9.14 20.30 11.47
N GLY D 74 9.19 19.57 10.36
CA GLY D 74 8.27 19.85 9.29
C GLY D 74 8.58 21.16 8.55
N ALA D 75 7.57 21.65 7.84
CA ALA D 75 7.71 22.81 6.98
C ALA D 75 8.20 24.05 7.74
N LYS D 76 8.75 24.99 6.97
CA LYS D 76 8.93 26.37 7.43
C LYS D 76 7.62 27.14 7.23
N LYS D 77 7.53 28.30 7.89
CA LYS D 77 6.31 29.09 7.87
C LYS D 77 5.98 29.58 6.45
N GLY D 78 4.80 29.19 5.95
CA GLY D 78 4.32 29.60 4.65
C GLY D 78 4.63 28.67 3.49
N GLU D 79 5.46 27.64 3.69
CA GLU D 79 5.91 26.78 2.60
C GLU D 79 5.01 25.56 2.49
N GLN D 80 4.15 25.54 1.45
CA GLN D 80 3.29 24.40 1.16
C GLN D 80 4.10 23.11 1.08
N THR D 81 3.43 21.98 1.40
CA THR D 81 4.12 20.72 1.67
C THR D 81 3.81 19.57 0.71
N HIS D 82 2.76 19.65 -0.09
CA HIS D 82 2.25 18.48 -0.81
C HIS D 82 3.07 18.13 -2.06
N ILE D 83 4.06 18.94 -2.45
CA ILE D 83 4.81 18.62 -3.66
C ILE D 83 5.82 17.49 -3.40
N ILE D 84 6.46 17.50 -2.23
CA ILE D 84 7.35 16.41 -1.83
C ILE D 84 6.78 15.59 -0.69
N ASN D 85 5.66 16.01 -0.09
CA ASN D 85 5.09 15.44 1.14
C ASN D 85 6.02 15.68 2.34
N MET D 86 6.15 16.96 2.68
CA MET D 86 6.88 17.33 3.89
C MET D 86 5.93 17.16 5.06
N HIS D 87 6.31 16.30 6.01
CA HIS D 87 5.50 16.07 7.19
C HIS D 87 6.30 16.41 8.44
N ASN D 88 5.84 15.95 9.61
CA ASN D 88 6.38 16.38 10.89
C ASN D 88 7.06 15.25 11.68
N ARG D 89 7.41 14.14 11.02
CA ARG D 89 8.39 13.22 11.54
C ARG D 89 9.73 13.42 10.87
N THR D 90 10.03 14.67 10.49
CA THR D 90 11.17 15.07 9.66
C THR D 90 11.75 16.38 10.19
N ILE D 91 13.07 16.39 10.41
CA ILE D 91 13.79 17.59 10.84
C ILE D 91 14.86 17.93 9.81
N HIS D 92 14.73 19.10 9.17
CA HIS D 92 15.80 19.65 8.34
C HIS D 92 16.44 20.80 9.12
N MET D 93 17.77 20.81 9.18
CA MET D 93 18.49 21.83 9.95
C MET D 93 19.64 22.40 9.10
N GLY D 94 19.53 23.68 8.75
CA GLY D 94 20.57 24.38 8.02
C GLY D 94 21.59 25.02 8.93
N ASP D 95 22.18 26.12 8.45
CA ASP D 95 23.03 26.97 9.27
C ASP D 95 24.23 26.19 9.80
N LEU D 96 24.93 25.50 8.89
CA LEU D 96 26.03 24.62 9.26
C LEU D 96 27.38 25.32 9.29
N VAL D 97 27.49 26.53 8.76
CA VAL D 97 28.79 27.20 8.76
C VAL D 97 29.19 27.57 10.18
N LEU D 98 28.23 27.93 11.03
CA LEU D 98 28.54 28.27 12.41
C LEU D 98 28.45 27.09 13.38
N THR D 99 27.77 26.00 12.99
CA THR D 99 27.71 24.81 13.83
C THR D 99 29.04 24.07 13.85
N SER D 100 29.51 23.63 12.69
CA SER D 100 30.68 22.77 12.60
C SER D 100 31.84 23.49 11.93
N LYS D 101 32.96 23.62 12.64
CA LYS D 101 34.18 24.14 12.03
C LYS D 101 34.77 23.14 11.05
N THR D 102 34.67 21.85 11.37
CA THR D 102 35.19 20.83 10.46
C THR D 102 34.45 20.84 9.13
N TYR D 103 33.14 21.10 9.17
CA TYR D 103 32.38 21.34 7.95
C TYR D 103 32.98 22.48 7.14
N ARG D 104 33.20 23.64 7.79
CA ARG D 104 33.77 24.80 7.10
C ARG D 104 35.09 24.45 6.43
N ASP D 105 35.95 23.72 7.14
CA ASP D 105 37.30 23.46 6.66
C ASP D 105 37.37 22.23 5.76
N GLU D 106 36.71 21.15 6.15
CA GLU D 106 36.92 19.88 5.45
C GLU D 106 35.88 19.64 4.37
N LEU D 107 34.61 19.54 4.76
CA LEU D 107 33.56 19.18 3.81
C LEU D 107 33.47 20.17 2.66
N LEU D 108 33.57 21.47 2.94
CA LEU D 108 33.39 22.43 1.86
C LEU D 108 34.55 22.46 0.88
N ASN D 109 35.65 21.74 1.19
CA ASN D 109 36.86 21.69 0.38
C ASN D 109 37.16 20.31 -0.17
N LEU D 110 36.28 19.33 0.03
CA LEU D 110 36.52 17.95 -0.41
C LEU D 110 36.80 17.89 -1.92
N PRO D 111 37.98 17.45 -2.36
CA PRO D 111 38.35 17.68 -3.77
C PRO D 111 37.54 16.88 -4.78
N PHE D 112 37.20 15.62 -4.47
CA PHE D 112 36.35 14.79 -5.33
C PHE D 112 35.04 15.50 -5.68
N ALA D 113 34.33 15.99 -4.65
CA ALA D 113 33.08 16.72 -4.85
C ALA D 113 33.26 17.87 -5.86
N HIS D 114 34.30 18.68 -5.69
CA HIS D 114 34.49 19.82 -6.58
C HIS D 114 34.92 19.39 -7.98
N GLU D 115 35.56 18.23 -8.12
CA GLU D 115 35.87 17.76 -9.47
C GLU D 115 34.59 17.42 -10.21
N VAL D 116 33.63 16.80 -9.51
CA VAL D 116 32.33 16.46 -10.11
C VAL D 116 31.52 17.72 -10.39
N LEU D 117 31.46 18.65 -9.43
CA LEU D 117 30.70 19.88 -9.63
C LEU D 117 31.29 20.72 -10.75
N GLU D 118 32.62 20.71 -10.92
CA GLU D 118 33.25 21.34 -12.07
C GLU D 118 32.80 20.68 -13.37
N LYS D 119 32.84 19.35 -13.44
CA LYS D 119 32.39 18.70 -14.68
C LYS D 119 30.93 19.03 -14.99
N VAL D 120 30.08 19.14 -13.95
CA VAL D 120 28.66 19.40 -14.17
C VAL D 120 28.43 20.84 -14.63
N PHE D 121 29.01 21.81 -13.94
CA PHE D 121 28.50 23.18 -14.03
C PHE D 121 29.27 24.09 -15.00
N LYS D 122 30.52 23.79 -15.32
CA LYS D 122 31.43 24.83 -15.80
C LYS D 122 31.15 25.25 -17.24
N LYS D 123 30.91 24.30 -18.15
CA LYS D 123 30.66 24.67 -19.54
C LYS D 123 29.28 25.29 -19.73
N ASP D 124 28.26 24.69 -19.11
CA ASP D 124 26.88 25.15 -19.31
C ASP D 124 26.53 26.37 -18.47
N SER D 125 27.15 26.54 -17.31
CA SER D 125 26.68 27.61 -16.43
C SER D 125 27.77 28.56 -15.97
N GLY D 126 28.96 28.05 -15.62
CA GLY D 126 29.99 28.89 -15.05
C GLY D 126 30.29 28.47 -13.62
N ASP D 127 30.64 29.42 -12.75
CA ASP D 127 30.90 29.09 -11.36
C ASP D 127 29.63 28.52 -10.70
N TYR D 128 29.82 27.83 -9.58
CA TYR D 128 28.72 27.29 -8.81
C TYR D 128 28.88 27.73 -7.36
N TRP D 129 27.83 27.55 -6.58
CA TRP D 129 27.92 27.76 -5.14
C TRP D 129 26.76 27.00 -4.49
N LEU D 130 26.75 26.98 -3.16
CA LEU D 130 25.75 26.19 -2.44
C LEU D 130 24.34 26.77 -2.58
N ASN D 131 23.37 25.91 -2.89
CA ASN D 131 21.99 26.21 -2.50
C ASN D 131 21.91 26.22 -0.98
N MET D 132 22.30 25.11 -0.38
CA MET D 132 22.54 25.12 1.07
C MET D 132 23.20 23.80 1.44
N GLY D 133 23.77 23.79 2.65
CA GLY D 133 24.10 22.56 3.35
C GLY D 133 23.03 22.36 4.41
N ASN D 134 22.45 21.16 4.44
CA ASN D 134 21.25 20.89 5.22
C ASN D 134 21.32 19.50 5.84
N ILE D 135 21.20 19.42 7.16
CA ILE D 135 21.09 18.14 7.86
C ILE D 135 19.67 17.60 7.69
N LEU D 136 19.57 16.37 7.19
CA LEU D 136 18.30 15.69 6.95
C LEU D 136 18.09 14.59 7.99
N ASN D 137 16.99 14.70 8.73
CA ASN D 137 16.67 13.78 9.83
C ASN D 137 15.30 13.18 9.56
N MET D 138 15.26 11.88 9.21
CA MET D 138 14.01 11.13 9.17
C MET D 138 13.92 10.37 10.50
N LEU D 139 12.98 10.79 11.34
CA LEU D 139 12.76 10.22 12.65
C LEU D 139 12.00 8.90 12.54
N PRO D 140 12.15 8.01 13.53
CA PRO D 140 11.33 6.79 13.53
C PRO D 140 9.84 7.10 13.36
N GLY D 141 9.21 6.41 12.42
CA GLY D 141 7.84 6.69 12.09
C GLY D 141 7.64 7.67 10.95
N ALA D 142 8.73 8.10 10.31
CA ALA D 142 8.62 9.02 9.19
C ALA D 142 8.21 8.27 7.94
N GLU D 143 7.15 8.74 7.28
CA GLU D 143 6.71 8.10 6.07
C GLU D 143 7.55 8.59 4.89
N ALA D 144 7.42 7.90 3.76
CA ALA D 144 8.19 8.27 2.59
C ALA D 144 7.63 9.55 1.96
N GLN D 145 8.48 10.23 1.21
CA GLN D 145 8.06 11.38 0.43
C GLN D 145 7.53 10.91 -0.93
N ARG D 146 6.81 11.82 -1.61
CA ARG D 146 6.47 11.59 -3.01
C ARG D 146 7.72 11.78 -3.86
N PRO D 147 8.06 10.83 -4.73
CA PRO D 147 9.22 11.03 -5.63
C PRO D 147 9.07 12.32 -6.43
N HIS D 148 10.14 13.10 -6.47
CA HIS D 148 10.09 14.41 -7.09
C HIS D 148 11.43 14.71 -7.77
N ARG D 149 11.47 15.84 -8.46
CA ARG D 149 12.68 16.44 -8.96
C ARG D 149 12.97 17.71 -8.13
N ASP D 150 14.23 17.86 -7.68
CA ASP D 150 14.58 18.99 -6.82
C ASP D 150 14.53 20.32 -7.57
N ASP D 151 14.83 20.31 -8.88
CA ASP D 151 14.88 21.56 -9.61
C ASP D 151 13.52 22.21 -9.76
N TYR D 152 12.45 21.58 -9.25
CA TYR D 152 11.17 22.23 -9.18
C TYR D 152 11.20 23.48 -8.32
N LEU D 153 12.22 23.60 -7.44
CA LEU D 153 12.32 24.82 -6.64
C LEU D 153 12.41 26.08 -7.51
N TYR D 154 13.01 25.98 -8.71
CA TYR D 154 13.24 27.12 -9.59
C TYR D 154 12.25 27.10 -10.74
N PRO D 155 11.33 28.08 -10.84
CA PRO D 155 10.27 28.02 -11.86
C PRO D 155 10.77 27.83 -13.29
N VAL D 156 11.97 28.32 -13.63
CA VAL D 156 12.46 28.23 -15.00
C VAL D 156 12.67 26.79 -15.47
N SER D 157 12.82 25.85 -14.51
CA SER D 157 12.98 24.44 -14.85
C SER D 157 11.75 23.90 -15.57
N GLN D 158 10.58 24.51 -15.35
CA GLN D 158 9.38 24.05 -16.03
C GLN D 158 9.29 24.56 -17.46
N HIS D 159 10.14 25.51 -17.85
CA HIS D 159 10.14 26.06 -19.21
C HIS D 159 11.32 25.58 -20.02
N MET D 160 12.02 24.56 -19.54
CA MET D 160 13.18 23.98 -20.23
C MET D 160 12.96 22.49 -20.44
N ASP D 161 13.38 22.01 -21.61
CA ASP D 161 13.34 20.60 -21.97
C ASP D 161 14.36 19.82 -21.13
N PRO D 162 13.94 18.89 -20.26
CA PRO D 162 14.91 18.19 -19.40
C PRO D 162 15.98 17.41 -20.15
N ALA D 163 15.73 16.99 -21.39
CA ALA D 163 16.74 16.21 -22.10
C ALA D 163 17.87 17.06 -22.66
N THR D 164 17.72 18.39 -22.72
CA THR D 164 18.73 19.24 -23.35
C THR D 164 19.12 20.46 -22.52
N SER D 165 18.52 20.68 -21.36
CA SER D 165 18.68 21.93 -20.63
C SER D 165 19.77 21.79 -19.56
N PRO D 166 20.37 22.89 -19.12
CA PRO D 166 21.46 22.80 -18.14
C PRO D 166 20.97 22.21 -16.82
N ASP D 167 21.88 21.56 -16.10
CA ASP D 167 21.57 21.16 -14.74
C ASP D 167 21.53 22.39 -13.85
N LEU D 168 20.49 22.49 -13.02
CA LEU D 168 20.33 23.58 -12.07
C LEU D 168 20.71 23.19 -10.66
N MET D 169 20.96 21.92 -10.38
CA MET D 169 21.25 21.51 -9.02
C MET D 169 21.92 20.14 -9.00
N ILE D 170 22.93 19.99 -8.12
CA ILE D 170 23.55 18.71 -7.77
C ILE D 170 23.47 18.54 -6.26
N ASN D 171 22.95 17.39 -5.81
CA ASN D 171 22.85 17.03 -4.40
C ASN D 171 23.91 15.98 -4.07
N ILE D 172 24.76 16.26 -3.07
CA ILE D 172 25.65 15.27 -2.47
C ILE D 172 25.22 15.04 -1.02
N THR D 173 24.87 13.79 -0.69
CA THR D 173 24.39 13.42 0.64
C THR D 173 25.37 12.45 1.30
N PHE D 174 25.89 12.86 2.45
CA PHE D 174 26.75 12.04 3.29
C PHE D 174 25.90 11.45 4.41
N PRO D 175 25.77 10.14 4.53
CA PRO D 175 25.15 9.60 5.75
C PRO D 175 26.05 9.88 6.95
N LEU D 176 25.41 10.21 8.08
CA LEU D 176 26.10 10.33 9.36
C LEU D 176 25.96 9.07 10.20
N ASN D 177 25.06 8.19 9.78
CA ASN D 177 24.91 6.83 10.27
C ASN D 177 24.48 6.00 9.08
N GLU D 178 24.42 4.68 9.24
CA GLU D 178 24.15 3.80 8.11
C GLU D 178 22.78 4.06 7.50
N PHE D 179 22.75 4.32 6.18
CA PHE D 179 21.50 4.32 5.42
C PHE D 179 21.18 2.90 4.98
N ARG D 180 19.96 2.44 5.26
CA ARG D 180 19.46 1.19 4.71
C ARG D 180 18.09 1.46 4.13
N HIS D 181 17.53 0.47 3.44
CA HIS D 181 16.13 0.60 3.05
C HIS D 181 15.25 0.75 4.29
N ASP D 182 15.50 -0.09 5.29
CA ASP D 182 14.62 -0.19 6.45
C ASP D 182 14.51 1.13 7.21
N ASN D 183 15.55 1.94 7.22
CA ASN D 183 15.53 3.17 8.00
C ASN D 183 15.32 4.42 7.16
N GLY D 184 14.88 4.28 5.91
CA GLY D 184 14.52 5.43 5.11
C GLY D 184 15.59 6.00 4.22
N GLY D 185 16.64 5.24 3.90
CA GLY D 185 17.65 5.66 2.94
C GLY D 185 17.02 6.17 1.67
N THR D 186 17.61 7.23 1.09
CA THR D 186 17.01 7.94 -0.04
C THR D 186 16.62 7.00 -1.17
N LEU D 187 15.41 7.16 -1.67
CA LEU D 187 14.86 6.36 -2.76
C LEU D 187 15.05 7.10 -4.08
N LEU D 188 15.46 6.36 -5.11
CA LEU D 188 15.88 6.93 -6.38
C LEU D 188 15.23 6.17 -7.52
N LEU D 189 14.92 6.88 -8.59
CA LEU D 189 14.55 6.26 -9.86
C LEU D 189 15.70 6.51 -10.81
N PRO D 190 16.66 5.57 -10.94
CA PRO D 190 17.79 5.78 -11.85
C PRO D 190 17.33 5.85 -13.28
N LYS D 191 18.08 6.64 -14.08
CA LYS D 191 17.81 6.87 -15.50
C LYS D 191 16.53 7.67 -15.74
N SER D 192 16.02 8.33 -14.70
CA SER D 192 14.80 9.14 -14.77
C SER D 192 15.08 10.62 -14.95
N HIS D 193 16.25 11.00 -15.45
CA HIS D 193 16.70 12.38 -15.40
C HIS D 193 16.63 13.10 -16.73
N THR D 194 16.11 12.46 -17.79
CA THR D 194 15.95 13.06 -19.11
C THR D 194 14.51 13.10 -19.61
N GLY D 195 13.56 12.52 -18.90
CA GLY D 195 12.19 12.54 -19.32
C GLY D 195 11.50 13.85 -19.01
N PRO D 196 10.37 14.09 -19.67
CA PRO D 196 9.63 15.33 -19.45
C PRO D 196 9.24 15.52 -17.99
N ASN D 197 9.03 16.78 -17.62
CA ASN D 197 8.53 17.11 -16.30
C ASN D 197 7.10 16.62 -16.17
N ALA D 198 6.79 16.04 -15.01
CA ALA D 198 5.45 15.53 -14.77
C ALA D 198 5.04 15.85 -13.34
N ASP D 199 3.74 15.77 -13.10
CA ASP D 199 3.18 16.01 -11.79
C ASP D 199 3.04 14.74 -10.98
N PHE D 200 3.37 13.59 -11.56
CA PHE D 200 3.51 12.32 -10.88
C PHE D 200 4.60 11.52 -11.60
N TYR D 201 5.56 10.96 -10.86
CA TYR D 201 6.62 10.13 -11.42
C TYR D 201 6.50 8.67 -11.02
N ALA D 202 6.36 8.38 -9.74
CA ALA D 202 6.27 7.00 -9.27
C ALA D 202 5.81 7.01 -7.83
N ASN D 203 5.38 5.84 -7.35
CA ASN D 203 5.13 5.64 -5.92
C ASN D 203 6.42 5.22 -5.23
N ALA D 204 6.60 5.70 -3.99
CA ALA D 204 7.85 5.47 -3.27
C ALA D 204 8.07 3.99 -2.95
N GLU D 205 7.01 3.20 -2.86
CA GLU D 205 7.15 1.76 -2.63
C GLU D 205 7.80 1.05 -3.81
N ASP D 206 7.87 1.69 -4.98
CA ASP D 206 8.39 1.07 -6.20
C ASP D 206 9.88 1.34 -6.45
N LEU D 207 10.53 2.11 -5.58
CA LEU D 207 11.88 2.62 -5.85
C LEU D 207 12.95 1.90 -5.02
N PRO D 208 14.16 1.72 -5.57
CA PRO D 208 15.28 1.26 -4.76
C PRO D 208 15.78 2.34 -3.79
N ALA D 209 16.22 1.90 -2.62
CA ALA D 209 16.86 2.77 -1.63
C ALA D 209 18.37 2.82 -1.83
N ALA D 210 18.98 3.94 -1.44
CA ALA D 210 20.43 4.08 -1.43
C ALA D 210 20.97 3.61 -0.08
N GLU D 211 21.75 2.54 -0.09
CA GLU D 211 22.30 1.94 1.13
C GLU D 211 23.79 2.21 1.17
N MET D 212 24.24 2.83 2.27
CA MET D 212 25.57 3.42 2.33
C MET D 212 26.07 3.40 3.77
N GLN D 213 27.38 3.42 3.93
CA GLN D 213 28.04 3.57 5.22
C GLN D 213 28.51 5.01 5.43
N VAL D 214 28.75 5.36 6.69
CA VAL D 214 29.48 6.59 6.99
C VAL D 214 30.82 6.58 6.25
N GLY D 215 31.07 7.63 5.48
CA GLY D 215 32.22 7.67 4.60
C GLY D 215 31.89 7.64 3.12
N ASP D 216 30.71 7.14 2.75
CA ASP D 216 30.24 7.17 1.37
C ASP D 216 29.44 8.46 1.12
N ALA D 217 28.97 8.61 -0.12
CA ALA D 217 28.21 9.78 -0.50
C ALA D 217 27.34 9.42 -1.69
N LEU D 218 26.06 9.82 -1.65
CA LEU D 218 25.18 9.74 -2.80
C LEU D 218 25.15 11.06 -3.56
N ILE D 219 25.34 11.02 -4.86
CA ILE D 219 25.34 12.20 -5.71
C ILE D 219 24.23 12.03 -6.75
N PHE D 220 23.27 12.95 -6.77
CA PHE D 220 22.24 12.89 -7.82
C PHE D 220 21.89 14.30 -8.26
N THR D 221 21.36 14.40 -9.48
CA THR D 221 21.09 15.72 -10.04
C THR D 221 19.65 16.15 -9.73
N GLY D 222 19.36 17.40 -10.04
CA GLY D 222 18.07 18.02 -9.83
C GLY D 222 16.97 17.57 -10.77
N LYS D 223 17.30 16.74 -11.76
CA LYS D 223 16.29 16.09 -12.58
C LYS D 223 16.06 14.64 -12.22
N CYS D 224 16.86 14.09 -11.30
CA CYS D 224 16.66 12.73 -10.83
C CYS D 224 15.46 12.65 -9.89
N VAL D 225 14.54 11.73 -10.20
CA VAL D 225 13.36 11.47 -9.38
C VAL D 225 13.78 10.70 -8.13
N HIS D 226 13.48 11.23 -6.95
CA HIS D 226 13.96 10.66 -5.70
C HIS D 226 12.99 11.04 -4.59
N GLY D 227 13.30 10.59 -3.38
CA GLY D 227 12.63 11.11 -2.20
C GLY D 227 13.12 10.39 -0.98
N GLY D 228 12.96 11.04 0.17
CA GLY D 228 13.23 10.37 1.42
C GLY D 228 12.32 9.17 1.62
N GLY D 229 12.90 8.07 2.10
CA GLY D 229 12.14 6.86 2.34
C GLY D 229 11.47 6.83 3.70
N ALA D 230 10.85 5.68 4.00
CA ALA D 230 10.12 5.51 5.24
C ALA D 230 11.04 4.89 6.29
N ASN D 231 11.17 5.55 7.44
CA ASN D 231 12.06 5.09 8.51
C ASN D 231 11.29 4.16 9.43
N ARG D 232 11.39 2.86 9.16
CA ARG D 232 10.74 1.85 9.99
C ARG D 232 11.63 1.36 11.12
N SER D 233 12.78 1.98 11.35
CA SER D 233 13.68 1.53 12.41
C SER D 233 13.37 2.28 13.71
N ASP D 234 14.23 2.10 14.71
CA ASP D 234 14.04 2.69 16.04
C ASP D 234 14.80 3.99 16.24
N LYS D 235 15.88 4.20 15.49
CA LYS D 235 16.75 5.35 15.63
C LYS D 235 16.51 6.35 14.51
N PRO D 236 16.95 7.60 14.69
CA PRO D 236 16.87 8.58 13.61
C PRO D 236 17.88 8.29 12.49
N ARG D 237 17.41 8.44 11.23
CA ARG D 237 18.25 8.29 10.05
C ARG D 237 18.68 9.68 9.62
N ILE D 238 19.97 9.98 9.72
CA ILE D 238 20.47 11.34 9.51
C ILE D 238 21.54 11.34 8.43
N GLY D 239 21.33 12.20 7.42
CA GLY D 239 22.35 12.50 6.44
C GLY D 239 22.65 13.99 6.44
N LEU D 240 23.73 14.35 5.78
CA LEU D 240 24.08 15.74 5.55
C LEU D 240 24.05 15.97 4.05
N ALA D 241 23.12 16.80 3.60
CA ALA D 241 22.96 17.14 2.20
C ALA D 241 23.72 18.42 1.89
N LEU D 242 24.37 18.43 0.74
CA LEU D 242 25.19 19.53 0.24
C LEU D 242 24.65 19.76 -1.15
N ALA D 243 23.80 20.76 -1.31
CA ALA D 243 23.18 21.03 -2.60
C ALA D 243 23.81 22.28 -3.21
N ALA D 244 24.48 22.09 -4.37
CA ALA D 244 25.13 23.12 -5.17
C ALA D 244 24.34 23.45 -6.44
N GLN D 245 24.49 24.68 -6.91
CA GLN D 245 23.73 25.20 -8.05
C GLN D 245 24.58 26.25 -8.75
N PRO D 246 24.24 26.59 -10.01
CA PRO D 246 24.94 27.69 -10.69
C PRO D 246 24.97 28.97 -9.86
N GLY D 247 26.01 29.78 -10.08
CA GLY D 247 26.14 31.04 -9.38
C GLY D 247 25.02 32.01 -9.67
N TYR D 248 24.33 31.87 -10.80
CA TYR D 248 23.28 32.82 -11.13
C TYR D 248 21.92 32.48 -10.53
N LEU D 249 21.82 31.42 -9.72
CA LEU D 249 20.61 31.10 -8.97
C LEU D 249 20.79 31.53 -7.52
N THR D 250 19.77 32.19 -6.96
CA THR D 250 19.82 32.71 -5.59
C THR D 250 19.82 31.57 -4.58
N PRO D 251 20.88 31.42 -3.76
CA PRO D 251 20.87 30.38 -2.73
C PRO D 251 19.64 30.49 -1.83
N ARG D 252 19.10 29.33 -1.44
CA ARG D 252 18.04 29.33 -0.45
C ARG D 252 18.51 29.88 0.88
N GLU D 253 19.78 29.71 1.22
CA GLU D 253 20.31 30.11 2.52
C GLU D 253 21.43 31.12 2.35
N SER D 254 21.23 32.31 2.88
CA SER D 254 22.26 33.35 2.96
C SER D 254 23.16 33.10 4.16
N ASN D 255 24.35 33.70 4.12
CA ASN D 255 25.29 33.60 5.23
C ASN D 255 25.84 34.97 5.60
N VAL D 256 25.04 36.02 5.48
CA VAL D 256 25.55 37.37 5.75
C VAL D 256 25.80 37.64 7.22
N ASN D 257 25.33 36.77 8.13
CA ASN D 257 25.52 36.97 9.56
C ASN D 257 26.61 36.06 10.15
N VAL D 258 27.47 35.49 9.31
CA VAL D 258 28.67 34.80 9.80
C VAL D 258 29.71 35.90 10.06
N PRO D 259 30.25 35.98 11.27
CA PRO D 259 31.26 37.01 11.54
C PRO D 259 32.41 36.90 10.57
N ARG D 260 32.89 38.06 10.11
CA ARG D 260 33.92 38.12 9.08
C ARG D 260 35.20 37.42 9.52
N ASP D 261 35.45 37.37 10.83
CA ASP D 261 36.63 36.68 11.35
C ASP D 261 36.56 35.19 11.09
N ILE D 262 35.39 34.58 11.28
CA ILE D 262 35.25 33.17 10.93
C ILE D 262 35.43 32.97 9.43
N VAL D 263 34.73 33.79 8.63
CA VAL D 263 34.78 33.65 7.18
C VAL D 263 36.23 33.74 6.68
N GLU D 264 37.08 34.51 7.35
CA GLU D 264 38.42 34.74 6.82
C GLU D 264 39.37 33.57 7.06
N THR D 265 39.01 32.61 7.91
CA THR D 265 39.78 31.39 8.12
C THR D 265 39.39 30.26 7.17
N MET D 266 38.62 30.55 6.12
CA MET D 266 38.22 29.57 5.11
C MET D 266 39.00 29.84 3.82
N THR D 267 39.11 28.82 2.99
CA THR D 267 39.79 28.97 1.70
C THR D 267 38.93 29.84 0.78
N PRO D 268 39.51 30.41 -0.29
CA PRO D 268 38.68 31.23 -1.19
C PRO D 268 37.53 30.44 -1.78
N LEU D 269 37.76 29.16 -2.06
CA LEU D 269 36.74 28.28 -2.62
C LEU D 269 35.55 28.12 -1.68
N ALA D 270 35.80 27.69 -0.44
CA ALA D 270 34.76 27.56 0.57
C ALA D 270 34.01 28.88 0.79
N GLN D 271 34.73 30.00 0.72
CA GLN D 271 34.11 31.32 0.81
C GLN D 271 33.11 31.54 -0.31
N ARG D 272 33.50 31.23 -1.56
CA ARG D 272 32.57 31.37 -2.66
C ARG D 272 31.36 30.45 -2.48
N MET D 273 31.59 29.24 -1.96
CA MET D 273 30.50 28.30 -1.72
C MET D 273 29.44 28.90 -0.78
N ILE D 274 29.85 29.63 0.25
CA ILE D 274 28.80 30.17 1.15
C ILE D 274 28.39 31.60 0.81
N GLY D 275 28.47 32.00 -0.45
CA GLY D 275 27.98 33.30 -0.87
C GLY D 275 28.92 34.47 -0.65
N TRP D 276 30.10 34.23 -0.08
CA TRP D 276 31.05 35.32 0.17
C TRP D 276 32.07 35.45 -0.95
N GLY D 277 31.61 35.50 -2.20
CA GLY D 277 32.48 35.73 -3.33
C GLY D 277 31.71 36.05 -4.60
N THR D 278 32.42 36.63 -5.56
CA THR D 278 31.86 36.85 -6.90
C THR D 278 31.77 35.52 -7.65
N VAL D 279 30.75 35.39 -8.49
CA VAL D 279 30.52 34.17 -9.26
C VAL D 279 30.35 34.56 -10.73
N ARG D 280 31.18 34.00 -11.59
CA ARG D 280 31.14 34.34 -13.00
C ARG D 280 30.34 33.31 -13.77
N THR D 281 29.53 33.78 -14.73
CA THR D 281 28.83 32.88 -15.64
C THR D 281 29.79 32.39 -16.72
N LYS D 282 29.32 31.44 -17.53
CA LYS D 282 30.16 30.83 -18.55
C LYS D 282 30.50 31.84 -19.65
N ASP D 283 29.68 32.88 -19.80
CA ASP D 283 29.98 34.01 -20.66
C ASP D 283 30.86 35.05 -19.99
N THR D 284 31.39 34.77 -18.79
CA THR D 284 32.35 35.56 -18.02
C THR D 284 31.74 36.72 -17.23
N TYR D 285 30.43 36.98 -17.34
CA TYR D 285 29.86 38.11 -16.61
C TYR D 285 29.80 37.76 -15.13
N GLY D 286 30.25 38.70 -14.30
CA GLY D 286 30.24 38.52 -12.86
C GLY D 286 28.90 38.83 -12.21
N LEU D 287 28.57 38.05 -11.18
CA LEU D 287 27.38 38.25 -10.38
C LEU D 287 27.83 38.28 -8.93
N ASN D 288 27.05 38.90 -8.06
CA ASN D 288 27.42 39.10 -6.67
C ASN D 288 28.71 39.92 -6.57
N MET D 289 28.78 40.99 -7.36
CA MET D 289 29.90 41.94 -7.34
C MET D 289 29.69 43.02 -6.30
N LEU D 290 30.79 43.61 -5.83
CA LEU D 290 30.76 44.70 -4.85
C LEU D 290 31.46 45.92 -5.42
N GLN D 291 30.70 46.99 -5.63
CA GLN D 291 31.23 48.27 -6.11
C GLN D 291 31.86 48.14 -7.50
N ASP D 292 31.20 47.41 -8.39
CA ASP D 292 31.69 47.16 -9.75
C ASP D 292 33.05 46.47 -9.76
N LYS D 293 33.42 45.85 -8.63
CA LYS D 293 34.64 45.07 -8.50
C LYS D 293 34.31 43.66 -8.04
N ASP D 294 35.36 42.84 -8.00
CA ASP D 294 35.33 41.55 -7.34
C ASP D 294 34.92 41.72 -5.87
N PHE D 295 34.16 40.73 -5.37
CA PHE D 295 33.71 40.73 -3.98
C PHE D 295 34.88 40.86 -3.00
N HIS D 296 35.94 40.06 -3.23
CA HIS D 296 37.11 40.03 -2.36
C HIS D 296 37.93 41.31 -2.49
N GLU D 297 38.18 41.75 -3.72
CA GLU D 297 38.90 43.00 -3.95
C GLU D 297 38.23 44.18 -3.27
N ALA D 298 36.89 44.28 -3.36
CA ALA D 298 36.19 45.40 -2.74
C ALA D 298 36.14 45.27 -1.24
N LEU D 299 36.05 44.04 -0.71
CA LEU D 299 36.12 43.88 0.75
C LEU D 299 37.55 43.83 1.27
N GLY D 300 38.53 43.61 0.41
CA GLY D 300 39.84 43.21 0.92
C GLY D 300 39.77 41.98 1.77
N LEU D 301 38.81 41.09 1.51
CA LEU D 301 38.58 39.93 2.35
C LEU D 301 39.77 38.97 2.26
N LYS D 302 40.37 38.68 3.41
CA LYS D 302 41.42 37.69 3.48
C LYS D 302 40.80 36.29 3.42
N SER D 303 41.66 35.28 3.37
CA SER D 303 41.26 33.88 3.24
C SER D 303 42.42 32.99 3.69
N LYS D 304 42.33 31.71 3.38
CA LYS D 304 43.35 30.74 3.77
C LYS D 304 43.92 30.01 2.56
FE FE E . -6.16 -6.89 19.70
C1 AKG F . -3.73 -5.15 20.26
O1 AKG F . -2.50 -4.87 20.28
O2 AKG F . -4.10 -6.31 20.61
C2 AKG F . -4.78 -4.11 19.83
O5 AKG F . -5.72 -4.46 19.18
C3 AKG F . -4.70 -2.64 20.19
C4 AKG F . -5.72 -1.90 19.30
C5 AKG F . -5.48 -0.38 19.31
O3 AKG F . -4.41 0.11 19.77
O4 AKG F . -6.36 0.38 18.86
C10 9FR G . -5.06 -5.52 25.27
C13 9FR G . -7.14 -6.81 24.91
C15 9FR G . -0.51 -10.30 23.25
C17 9FR G . -1.21 -11.60 21.22
C20 9FR G . 0.71 -10.04 22.42
C21 9FR G . 1.95 -9.81 20.65
C22 9FR G . 1.66 -8.91 22.68
C24 9FR G . -0.01 -11.12 24.47
C01 9FR G . -2.72 -8.84 23.57
C02 9FR G . -3.58 -10.09 23.19
C03 9FR G . -4.74 -10.50 24.12
C04 9FR G . -5.16 -9.46 25.18
C05 9FR G . -4.88 -8.00 24.75
C06 9FR G . -3.35 -7.75 24.53
C07 9FR G . -2.59 -7.64 25.86
C08 9FR G . -3.19 -6.42 23.72
C09 9FR G . -4.08 -5.24 24.14
C11 9FR G . -5.69 -6.89 25.48
O01 9FR G . -5.32 -4.62 26.04
C12 9FR G . -5.82 -7.08 27.01
O02 9FR G . -2.78 -11.21 22.94
C14 9FR G . -1.49 -11.13 22.46
C16 9FR G . -1.17 -8.98 23.67
C18 9FR G . -0.05 -11.31 20.53
C19 9FR G . 0.87 -10.51 21.15
O03 9FR G . 2.59 -9.03 21.60
O04 9FR G . 2.37 -9.81 19.52
O05 9FR G . 0.10 -11.77 19.42
C23 9FR G . -2.17 -12.57 20.56
C25 9FR G . -4.20 -9.84 21.79
FE FE H . 12.07 -31.99 -1.42
C1 AKG I . 11.39 -34.72 -2.21
O1 AKG I . 12.17 -33.82 -2.59
O2 AKG I . 11.59 -35.92 -2.54
C2 AKG I . 10.20 -34.32 -1.34
O5 AKG I . 10.24 -33.28 -0.76
C3 AKG I . 8.98 -35.24 -1.22
C4 AKG I . 7.86 -34.52 -0.48
C5 AKG I . 6.60 -35.41 -0.50
O3 AKG I . 5.50 -34.92 -0.13
O4 AKG I . 6.65 -36.60 -0.88
C10 9FR J . 9.99 -32.85 -6.64
C13 9FR J . 10.43 -30.50 -6.38
C15 9FR J . 16.71 -34.89 -6.62
C17 9FR J . 17.86 -34.01 -4.55
C20 9FR J . 17.19 -36.20 -6.05
C21 9FR J . 18.03 -37.66 -4.70
C22 9FR J . 16.71 -37.55 -6.47
C24 9FR J . 17.49 -34.76 -7.94
C01 9FR J . 14.31 -33.74 -6.29
C02 9FR J . 15.05 -32.47 -5.80
C03 9FR J . 14.70 -31.14 -6.52
C04 9FR J . 13.48 -31.17 -7.45
C05 9FR J . 12.40 -32.09 -6.85
C06 9FR J . 12.88 -33.58 -6.92
C07 9FR J . 12.81 -34.11 -8.38
C08 9FR J . 11.93 -34.43 -6.02
C09 9FR J . 10.50 -33.96 -5.74
C11 9FR J . 10.89 -31.75 -7.17
O01 9FR J . 8.83 -32.87 -6.97
C12 9FR J . 10.54 -31.46 -8.65
O02 9FR J . 16.44 -32.58 -5.78
C14 9FR J . 17.07 -33.80 -5.64
C16 9FR J . 15.19 -34.93 -6.83
C18 9FR J . 18.26 -35.23 -4.14
C19 9FR J . 17.89 -36.31 -4.90
O03 9FR J . 17.62 -38.39 -5.79
O04 9FR J . 18.45 -38.24 -3.70
O05 9FR J . 18.92 -35.32 -3.10
C23 9FR J . 18.64 -32.86 -3.92
C25 9FR J . 14.82 -32.30 -4.27
FE FE K . -20.39 23.17 -15.36
C1 AKG L . -21.40 23.86 -17.92
O1 AKG L . -21.84 23.45 -16.82
O2 AKG L . -22.19 24.41 -18.74
C2 AKG L . -19.91 23.72 -18.27
O5 AKG L . -19.10 23.64 -17.40
C3 AKG L . -19.43 23.69 -19.72
C4 AKG L . -17.93 23.99 -19.74
C5 AKG L . -17.40 23.98 -21.18
O3 AKG L . -16.18 23.70 -21.40
O4 AKG L . -18.16 24.23 -22.15
C10 9FR M . -22.82 18.96 -18.79
C13 9FR M . -21.95 18.18 -16.63
C15 9FR M . -27.74 22.90 -16.01
C17 9FR M . -27.09 24.15 -13.91
C20 9FR M . -28.29 24.25 -16.39
C21 9FR M . -28.27 26.43 -16.53
C22 9FR M . -28.68 24.63 -17.79
C24 9FR M . -28.97 21.96 -16.08
C01 9FR M . -25.45 21.62 -16.42
C02 9FR M . -25.42 21.34 -14.89
C03 9FR M . -25.25 19.88 -14.43
C04 9FR M . -24.96 18.84 -15.51
C05 9FR M . -24.08 19.44 -16.62
C06 9FR M . -24.85 20.54 -17.40
C07 9FR M . -25.94 19.88 -18.30
C08 9FR M . -23.81 21.29 -18.29
C09 9FR M . -22.79 20.45 -19.06
C11 9FR M . -23.24 18.41 -17.43
O01 9FR M . -22.53 18.20 -19.68
C12 9FR M . -23.93 17.05 -17.66
O02 9FR M . -26.50 21.88 -14.17
C14 9FR M . -27.19 22.97 -14.60
C16 9FR M . -26.62 22.48 -16.97
C18 9FR M . -27.44 25.37 -14.44
C19 9FR M . -28.06 25.37 -15.67
O03 9FR M . -28.60 26.04 -17.80
O04 9FR M . -28.17 27.60 -16.23
O05 9FR M . -27.21 26.41 -13.84
C23 9FR M . -26.67 24.15 -12.45
C25 9FR M . -24.27 22.16 -14.25
FE FE N . 14.38 16.09 -2.84
C1 AKG O . 13.93 16.51 0.05
O1 AKG O . 13.23 16.83 1.05
O2 AKG O . 14.08 17.31 -0.91
C2 AKG O . 14.63 15.15 -0.04
O5 AKG O . 14.71 14.60 -1.10
C3 AKG O . 15.21 14.51 1.23
C4 AKG O . 15.58 13.04 0.95
C5 AKG O . 15.96 12.34 2.26
O3 AKG O . 15.56 12.80 3.36
O4 AKG O . 16.66 11.28 2.22
C10 9FR P . 17.90 19.69 0.56
C13 9FR P . 18.56 19.58 -1.86
C15 9FR P . 11.83 22.84 -0.71
C17 9FR P . 10.52 21.81 -2.64
C20 9FR P . 10.52 22.66 0.00
C21 9FR P . 8.66 21.69 0.53
C22 9FR P . 10.41 22.65 1.49
C24 9FR P . 12.13 24.35 -0.73
C01 9FR P . 13.97 21.26 -0.85
C02 9FR P . 13.90 21.40 -2.41
C03 9FR P . 15.15 21.87 -3.17
C04 9FR P . 16.44 21.92 -2.36
C05 9FR P . 16.50 20.86 -1.25
C06 9FR P . 15.39 21.06 -0.18
C07 9FR P . 15.72 22.19 0.84
C08 9FR P . 15.30 19.70 0.61
C09 9FR P . 16.62 19.11 1.12
C11 9FR P . 17.93 20.49 -0.76
O01 9FR P . 18.91 19.54 1.21
C12 9FR P . 18.87 21.72 -0.56
O02 9FR P . 12.83 22.18 -2.85
C14 9FR P . 11.68 22.32 -2.13
C16 9FR P . 12.93 22.04 0.01
C18 9FR P . 9.42 21.55 -1.83
C19 9FR P . 9.49 21.96 -0.52
O03 9FR P . 9.08 22.24 1.72
O04 9FR P . 7.65 21.03 0.51
O05 9FR P . 8.43 20.96 -2.27
C23 9FR P . 10.40 21.61 -4.14
C25 9FR P . 13.49 20.00 -2.95
#